data_5XF6
#
_entry.id   5XF6
#
_cell.length_a   106.840
_cell.length_b   109.729
_cell.length_c   182.527
_cell.angle_alpha   90.00
_cell.angle_beta   90.00
_cell.angle_gamma   90.00
#
_symmetry.space_group_name_H-M   'P 21 21 21'
#
loop_
_entity.id
_entity.type
_entity.pdbx_description
1 polymer 'Histone H3.2'
2 polymer 'Histone H4'
3 polymer 'Histone H2A'
4 polymer 'Histone H2B 1.1'
5 polymer 'DNA (145-MER)'
6 polymer 'DNA (145-MER)'
7 non-polymer 'SULFATE ION'
8 non-polymer 'MAGNESIUM ION'
9 non-polymer '[ethane6-3-(p-tolyl)propanoic acid]Ru(1,3,5-triaza-7-phosphaadamantane)Cl2'
10 non-polymer ETHANE-1,2-DIAMINE
11 water water
#
loop_
_entity_poly.entity_id
_entity_poly.type
_entity_poly.pdbx_seq_one_letter_code
_entity_poly.pdbx_strand_id
1 'polypeptide(L)'
;ARTKQTARKSTGGKAPRKQLATKAARKSAPATGGVKKPHRYRPGTVALREIRRYQKSTELLIRKLPFQRLVREIAQDFKT
DLRFQSSAVMALQEASEAYLVALFEDTNLCAIHAKRVTIMPKDIQLARRIRGERA
;
A,E
2 'polypeptide(L)'
;SGRGKGGKGLGKGGAKRHRKVLRDNIQGITKPAIRRLARRGGVKRISGLIYEETRGVLKVFLENVIRDAVTYTEHAKRKT
VTAMDVVYALKRQGRTLYGFGG
;
B,F
3 'polypeptide(L)'
;SGRGKQGGKTRAKAKTRSSRAGLQFPVGRVHRLLRKGNYAERVGAGAPVYLAAVLEYLTAEILELAGNAARDNKKTRIIP
RHLQLAVRNDEELNKLLGRVTIAQGGVLPNIQSVLLPKKTESSKSKSK
;
C,G
4 'polypeptide(L)'
;PEPAKSAPAPKKGSKKAVTKTQKKDGKKRRKTRKESYAIYVYKVLKQVHPDTGISSKAMSIMNSFVNDVFERIAGEASRL
AHYNKRSTITSREIQTAVRLLLPGELAKHAVSEGTKAVTKYTSAK
;
D,H
5 'polydeoxyribonucleotide'
;(DA)(DT)(DC)(DA)(DA)(DT)(DA)(DT)(DC)(DC)(DA)(DC)(DC)(DT)(DG)(DC)(DA)(DG)(DA)(DT)
(DA)(DC)(DT)(DA)(DC)(DC)(DA)(DA)(DA)(DA)(DG)(DT)(DG)(DT)(DA)(DT)(DT)(DT)(DG)(DG)
(DA)(DA)(DA)(DC)(DT)(DG)(DC)(DT)(DC)(DC)(DA)(DT)(DC)(DA)(DA)(DA)(DA)(DG)(DG)(DC)
(DA)(DT)(DG)(DT)(DT)(DC)(DA)(DG)(DC)(DT)(DG)(DA)(DA)(DT)(DC)(DA)(DG)(DC)(DT)(DG)
(DA)(DA)(DC)(DA)(DT)(DG)(DC)(DC)(DT)(DT)(DT)(DT)(DG)(DA)(DT)(DG)(DG)(DA)(DG)(DC)
(DA)(DG)(DT)(DT)(DT)(DC)(DC)(DA)(DA)(DA)(DT)(DA)(DC)(DA)(DC)(DT)(DT)(DT)(DT)(DG)
(DG)(DT)(DA)(DG)(DT)(DA)(DT)(DC)(DT)(DG)(DC)(DA)(DG)(DG)(DT)(DG)(DG)(DA)(DT)(DA)
(DT)(DT)(DG)(DA)(DT)
;
I
6 'polydeoxyribonucleotide'
;(DA)(DT)(DC)(DA)(DA)(DT)(DA)(DT)(DC)(DC)(DA)(DC)(DC)(DT)(DG)(DC)(DA)(DG)(DA)(DT)
(DA)(DC)(DT)(DA)(DC)(DC)(DA)(DA)(DA)(DA)(DG)(DT)(DG)(DT)(DA)(DT)(DT)(DT)(DG)(DG)
(DA)(DA)(DA)(DC)(DT)(DG)(DC)(DT)(DC)(DC)(DA)(DT)(DC)(DA)(DA)(DA)(DA)(DG)(DG)(DC)
(DA)(DT)(DG)(DT)(DT)(DC)(DA)(DG)(DC)(DT)(DG)(DA)(DT)(DT)(DC)(DA)(DG)(DC)(DT)(DG)
(DA)(DA)(DC)(DA)(DT)(DG)(DC)(DC)(DT)(DT)(DT)(DT)(DG)(DA)(DT)(DG)(DG)(DA)(DG)(DC)
(DA)(DG)(DT)(DT)(DT)(DC)(DC)(DA)(DA)(DA)(DT)(DA)(DC)(DA)(DC)(DT)(DT)(DT)(DT)(DG)
(DG)(DT)(DA)(DG)(DT)(DA)(DT)(DC)(DT)(DG)(DC)(DA)(DG)(DG)(DT)(DG)(DG)(DA)(DT)(DA)
(DT)(DT)(DG)(DA)(DT)
;
J
#
loop_
_chem_comp.id
_chem_comp.type
_chem_comp.name
_chem_comp.formula
DA DNA linking 2'-DEOXYADENOSINE-5'-MONOPHOSPHATE 'C10 H14 N5 O6 P'
DC DNA linking 2'-DEOXYCYTIDINE-5'-MONOPHOSPHATE 'C9 H14 N3 O7 P'
DG DNA linking 2'-DEOXYGUANOSINE-5'-MONOPHOSPHATE 'C10 H14 N5 O7 P'
DT DNA linking THYMIDINE-5'-MONOPHOSPHATE 'C10 H15 N2 O8 P'
EDN non-polymer ETHANE-1,2-DIAMINE 'C2 H8 N2'
MG non-polymer 'MAGNESIUM ION' 'Mg 2'
RUD non-polymer '[ethane6-3-(p-tolyl)propanoic acid]Ru(1,3,5-triaza-7-phosphaadamantane)Cl2' 'C16 H24 Cl2 N3 O2 P Ru'
SO4 non-polymer 'SULFATE ION' 'O4 S -2'
#
# COMPACT_ATOMS: atom_id res chain seq x y z
N PRO A 38 -50.82 -19.59 -11.57
CA PRO A 38 -50.61 -19.37 -10.13
C PRO A 38 -49.29 -19.97 -9.62
N HIS A 39 -48.16 -19.35 -9.98
CA HIS A 39 -46.81 -19.92 -9.76
C HIS A 39 -45.79 -18.89 -9.28
N ARG A 40 -45.14 -19.20 -8.17
CA ARG A 40 -44.27 -18.25 -7.47
C ARG A 40 -42.92 -18.89 -7.18
N TYR A 41 -41.86 -18.11 -7.23
CA TYR A 41 -40.53 -18.62 -6.90
C TYR A 41 -40.20 -18.45 -5.39
N ARG A 42 -39.53 -19.46 -4.82
CA ARG A 42 -39.23 -19.45 -3.39
C ARG A 42 -38.25 -18.32 -3.04
N PRO A 43 -38.37 -17.71 -1.84
CA PRO A 43 -37.41 -16.71 -1.45
C PRO A 43 -36.01 -17.24 -1.63
N GLY A 44 -35.20 -16.53 -2.40
CA GLY A 44 -33.77 -16.86 -2.56
C GLY A 44 -33.42 -17.63 -3.81
N THR A 45 -34.43 -17.98 -4.61
CA THR A 45 -34.21 -18.69 -5.85
C THR A 45 -33.85 -17.71 -6.92
N VAL A 46 -34.55 -16.59 -6.97
CA VAL A 46 -34.19 -15.56 -7.91
C VAL A 46 -32.86 -14.91 -7.48
N ALA A 47 -32.63 -14.82 -6.17
CA ALA A 47 -31.38 -14.27 -5.65
C ALA A 47 -30.18 -15.05 -6.18
N LEU A 48 -30.21 -16.36 -6.06
CA LEU A 48 -29.22 -17.22 -6.70
C LEU A 48 -29.15 -17.02 -8.22
N ARG A 49 -30.31 -16.87 -8.84
CA ARG A 49 -30.31 -16.77 -10.27
C ARG A 49 -29.57 -15.50 -10.68
N GLU A 50 -29.84 -14.40 -9.99
CA GLU A 50 -29.15 -13.14 -10.26
C GLU A 50 -27.66 -13.23 -9.93
N ILE A 51 -27.27 -13.99 -8.91
CA ILE A 51 -25.83 -14.12 -8.64
C ILE A 51 -25.12 -14.75 -9.84
N ARG A 52 -25.70 -15.80 -10.39
CA ARG A 52 -25.06 -16.48 -11.51
C ARG A 52 -25.02 -15.52 -12.70
N ARG A 53 -26.09 -14.78 -12.91
CA ARG A 53 -26.19 -13.90 -14.05
C ARG A 53 -25.14 -12.81 -13.96
N TYR A 54 -25.12 -12.11 -12.83
CA TYR A 54 -24.25 -10.98 -12.68
C TYR A 54 -22.75 -11.32 -12.52
N GLN A 55 -22.46 -12.54 -12.08
CA GLN A 55 -21.08 -12.98 -11.95
C GLN A 55 -20.51 -13.31 -13.31
N LYS A 56 -21.40 -13.63 -14.23
CA LYS A 56 -21.02 -14.06 -15.57
C LYS A 56 -20.75 -12.88 -16.45
N SER A 57 -21.53 -11.82 -16.29
CA SER A 57 -21.33 -10.58 -17.06
C SER A 57 -20.34 -9.58 -16.43
N THR A 58 -20.09 -8.51 -17.20
CA THR A 58 -19.28 -7.38 -16.80
C THR A 58 -19.90 -5.98 -17.03
N GLU A 59 -21.17 -5.88 -17.41
CA GLU A 59 -21.74 -4.53 -17.55
C GLU A 59 -21.70 -3.83 -16.20
N LEU A 60 -21.49 -2.54 -16.25
CA LEU A 60 -21.81 -1.71 -15.14
C LEU A 60 -23.29 -1.84 -14.75
N LEU A 61 -23.53 -1.76 -13.43
CA LEU A 61 -24.81 -2.08 -12.81
C LEU A 61 -25.42 -0.88 -12.13
N ILE A 62 -24.80 0.29 -12.28
CA ILE A 62 -25.41 1.56 -11.83
C ILE A 62 -25.72 2.36 -13.10
N ARG A 63 -26.85 3.06 -13.11
CA ARG A 63 -27.25 3.77 -14.34
C ARG A 63 -26.34 4.96 -14.50
N LYS A 64 -25.90 5.23 -15.71
CA LYS A 64 -24.83 6.19 -15.96
C LYS A 64 -25.16 7.58 -15.46
N LEU A 65 -26.35 8.07 -15.79
CA LEU A 65 -26.70 9.46 -15.49
C LEU A 65 -26.69 9.79 -14.00
N PRO A 66 -27.45 9.03 -13.16
CA PRO A 66 -27.43 9.28 -11.71
C PRO A 66 -26.02 9.33 -11.14
N PHE A 67 -25.18 8.40 -11.58
CA PHE A 67 -23.79 8.35 -11.17
C PHE A 67 -23.07 9.61 -11.62
N GLN A 68 -23.30 10.03 -12.85
CA GLN A 68 -22.66 11.24 -13.39
C GLN A 68 -22.95 12.50 -12.53
N ARG A 69 -24.21 12.67 -12.15
CA ARG A 69 -24.59 13.81 -11.33
C ARG A 69 -23.92 13.74 -9.98
N LEU A 70 -23.87 12.54 -9.42
CA LEU A 70 -23.34 12.34 -8.07
C LEU A 70 -21.88 12.68 -8.08
N VAL A 71 -21.20 12.28 -9.15
CA VAL A 71 -19.80 12.65 -9.29
C VAL A 71 -19.66 14.16 -9.31
N ARG A 72 -20.39 14.84 -10.20
CA ARG A 72 -20.32 16.30 -10.30
C ARG A 72 -20.65 17.01 -9.01
N GLU A 73 -21.71 16.57 -8.34
CA GLU A 73 -22.15 17.18 -7.11
C GLU A 73 -20.97 17.22 -6.17
N ILE A 74 -20.36 16.05 -5.98
CA ILE A 74 -19.26 15.86 -5.05
C ILE A 74 -18.07 16.71 -5.48
N ALA A 75 -17.75 16.73 -6.78
CA ALA A 75 -16.61 17.53 -7.23
C ALA A 75 -16.81 19.04 -7.01
N GLN A 76 -18.07 19.51 -7.06
CA GLN A 76 -18.43 20.91 -6.82
C GLN A 76 -17.91 21.48 -5.48
N ASP A 77 -17.93 20.69 -4.40
CA ASP A 77 -17.34 21.17 -3.15
C ASP A 77 -15.82 21.36 -3.23
N PHE A 78 -15.16 20.84 -4.26
CA PHE A 78 -13.70 20.98 -4.33
C PHE A 78 -13.30 22.07 -5.29
N LYS A 79 -14.06 22.20 -6.38
CA LYS A 79 -13.88 23.32 -7.28
C LYS A 79 -15.11 23.44 -8.13
N THR A 80 -15.51 24.69 -8.39
CA THR A 80 -16.69 24.99 -9.16
C THR A 80 -16.34 25.21 -10.62
N ASP A 81 -17.33 25.02 -11.49
CA ASP A 81 -17.20 25.25 -12.92
C ASP A 81 -16.25 24.22 -13.55
N LEU A 82 -16.53 22.96 -13.25
CA LEU A 82 -15.68 21.87 -13.69
C LEU A 82 -16.32 21.17 -14.82
N ARG A 83 -15.52 20.58 -15.69
CA ARG A 83 -16.04 19.69 -16.70
C ARG A 83 -15.23 18.42 -16.58
N PHE A 84 -15.83 17.34 -17.10
CA PHE A 84 -15.33 15.98 -16.93
C PHE A 84 -15.21 15.37 -18.31
N GLN A 85 -14.07 14.80 -18.65
CA GLN A 85 -14.02 13.98 -19.86
C GLN A 85 -15.01 12.84 -19.66
N SER A 86 -15.48 12.30 -20.77
CA SER A 86 -16.42 11.20 -20.77
C SER A 86 -15.74 9.95 -20.20
N SER A 87 -14.47 9.74 -20.58
CA SER A 87 -13.68 8.62 -20.08
C SER A 87 -13.33 8.77 -18.58
N ALA A 88 -13.22 10.00 -18.09
CA ALA A 88 -13.02 10.27 -16.65
C ALA A 88 -14.17 9.76 -15.79
N VAL A 89 -15.38 10.09 -16.18
CA VAL A 89 -16.54 9.62 -15.45
C VAL A 89 -16.61 8.10 -15.54
N MET A 90 -16.23 7.55 -16.68
CA MET A 90 -16.28 6.12 -16.90
C MET A 90 -15.29 5.44 -15.95
N ALA A 91 -14.06 5.92 -15.96
CA ALA A 91 -13.05 5.38 -15.08
C ALA A 91 -13.51 5.40 -13.62
N LEU A 92 -14.10 6.51 -13.17
CA LEU A 92 -14.65 6.58 -11.82
C LEU A 92 -15.72 5.51 -11.53
N GLN A 93 -16.52 5.16 -12.54
CA GLN A 93 -17.58 4.19 -12.32
C GLN A 93 -17.01 2.78 -12.23
N GLU A 94 -16.10 2.44 -13.11
CA GLU A 94 -15.50 1.14 -13.08
C GLU A 94 -14.86 0.90 -11.73
N ALA A 95 -14.16 1.92 -11.24
CA ALA A 95 -13.44 1.80 -9.98
C ALA A 95 -14.40 1.62 -8.81
N SER A 96 -15.41 2.47 -8.73
CA SER A 96 -16.37 2.41 -7.63
C SER A 96 -17.11 1.08 -7.56
N GLU A 97 -17.51 0.57 -8.72
CA GLU A 97 -18.25 -0.70 -8.74
C GLU A 97 -17.34 -1.88 -8.41
N ALA A 98 -16.13 -1.89 -8.94
CA ALA A 98 -15.15 -2.89 -8.54
C ALA A 98 -15.03 -2.86 -7.02
N TYR A 99 -14.83 -1.66 -6.48
CA TYR A 99 -14.70 -1.45 -5.05
C TYR A 99 -15.89 -1.97 -4.29
N LEU A 100 -17.09 -1.60 -4.72
CA LEU A 100 -18.27 -1.96 -3.96
C LEU A 100 -18.49 -3.46 -4.09
N VAL A 101 -18.26 -4.01 -5.29
CA VAL A 101 -18.50 -5.42 -5.47
C VAL A 101 -17.64 -6.18 -4.50
N ALA A 102 -16.37 -5.81 -4.44
CA ALA A 102 -15.40 -6.49 -3.56
C ALA A 102 -15.77 -6.29 -2.12
N LEU A 103 -16.10 -5.08 -1.73
CA LEU A 103 -16.61 -4.89 -0.36
C LEU A 103 -17.82 -5.75 -0.02
N PHE A 104 -18.69 -6.05 -0.99
CA PHE A 104 -19.75 -6.99 -0.68
C PHE A 104 -19.18 -8.41 -0.52
N GLU A 105 -18.09 -8.77 -1.18
CA GLU A 105 -17.59 -10.12 -0.96
C GLU A 105 -17.19 -10.20 0.52
N ASP A 106 -16.40 -9.25 1.00
CA ASP A 106 -15.90 -9.30 2.39
C ASP A 106 -17.04 -9.21 3.40
N THR A 107 -17.98 -8.33 3.09
CA THR A 107 -19.17 -8.15 3.92
C THR A 107 -19.92 -9.50 4.05
N ASN A 108 -20.02 -10.20 2.93
CA ASN A 108 -20.76 -11.43 2.91
C ASN A 108 -19.99 -12.42 3.76
N LEU A 109 -18.68 -12.46 3.62
CA LEU A 109 -17.88 -13.30 4.54
C LEU A 109 -18.13 -12.93 6.02
N CYS A 110 -18.25 -11.65 6.32
CA CYS A 110 -18.50 -11.26 7.70
C CYS A 110 -19.89 -11.76 8.23
N ALA A 111 -20.93 -11.62 7.40
CA ALA A 111 -22.23 -12.20 7.73
C ALA A 111 -22.11 -13.71 7.91
N ILE A 112 -21.48 -14.39 7.00
CA ILE A 112 -21.35 -15.83 7.16
C ILE A 112 -20.59 -16.18 8.46
N HIS A 113 -19.63 -15.35 8.87
CA HIS A 113 -18.88 -15.62 10.09
C HIS A 113 -19.77 -15.59 11.31
N ALA A 114 -20.78 -14.72 11.27
CA ALA A 114 -21.71 -14.60 12.40
C ALA A 114 -22.89 -15.52 12.19
N LYS A 115 -22.69 -16.56 11.36
CA LYS A 115 -23.64 -17.65 11.18
C LYS A 115 -24.97 -17.19 10.60
N ARG A 116 -24.87 -16.20 9.72
CA ARG A 116 -26.00 -15.60 9.04
C ARG A 116 -25.84 -15.79 7.52
N VAL A 117 -26.84 -15.32 6.77
CA VAL A 117 -26.79 -15.29 5.32
C VAL A 117 -27.31 -13.94 4.82
N THR A 118 -27.46 -12.98 5.73
CA THR A 118 -28.11 -11.73 5.43
C THR A 118 -27.15 -10.62 5.74
N ILE A 119 -26.67 -9.87 4.75
CA ILE A 119 -25.70 -8.83 5.06
C ILE A 119 -26.36 -7.65 5.79
N MET A 120 -25.65 -7.13 6.78
CA MET A 120 -26.14 -6.04 7.58
C MET A 120 -25.08 -4.97 7.62
N PRO A 121 -25.47 -3.75 8.01
CA PRO A 121 -24.52 -2.69 8.14
C PRO A 121 -23.34 -3.05 9.01
N LYS A 122 -23.55 -3.84 10.05
CA LYS A 122 -22.41 -4.18 10.90
C LYS A 122 -21.37 -4.99 10.16
N ASP A 123 -21.81 -5.86 9.26
CA ASP A 123 -20.90 -6.62 8.42
C ASP A 123 -20.08 -5.70 7.51
N ILE A 124 -20.70 -4.69 6.91
CA ILE A 124 -19.99 -3.70 6.12
C ILE A 124 -19.02 -2.92 7.01
N GLN A 125 -19.38 -2.73 8.26
CA GLN A 125 -18.57 -1.93 9.17
C GLN A 125 -17.34 -2.72 9.55
N LEU A 126 -17.55 -3.98 9.87
CA LEU A 126 -16.44 -4.83 10.28
C LEU A 126 -15.42 -4.95 9.15
N ALA A 127 -15.91 -5.14 7.94
CA ALA A 127 -15.03 -5.29 6.80
C ALA A 127 -14.21 -4.02 6.59
N ARG A 128 -14.86 -2.86 6.69
CA ARG A 128 -14.15 -1.62 6.51
C ARG A 128 -13.17 -1.36 7.60
N ARG A 129 -13.51 -1.70 8.82
CA ARG A 129 -12.59 -1.56 9.97
C ARG A 129 -11.33 -2.43 9.76
N ILE A 130 -11.54 -3.70 9.44
CA ILE A 130 -10.42 -4.62 9.25
C ILE A 130 -9.56 -4.26 8.03
N ARG A 131 -10.20 -3.82 6.95
CA ARG A 131 -9.42 -3.29 5.79
C ARG A 131 -8.61 -2.04 6.15
N GLY A 132 -8.82 -1.49 7.34
CA GLY A 132 -8.15 -0.28 7.69
C GLY A 132 -8.69 0.93 6.98
N GLU A 133 -9.98 0.93 6.68
CA GLU A 133 -10.65 2.16 6.23
C GLU A 133 -11.26 2.96 7.40
N ARG A 134 -11.35 2.37 8.60
CA ARG A 134 -11.87 3.06 9.81
C ARG A 134 -10.78 3.28 10.86
N VAL B 21 -40.49 16.53 -8.36
CA VAL B 21 -40.12 15.39 -7.45
C VAL B 21 -38.66 15.59 -6.94
N LEU B 22 -38.48 16.62 -6.11
CA LEU B 22 -37.16 17.04 -5.60
C LEU B 22 -36.45 15.94 -4.80
N ARG B 23 -35.20 15.65 -5.16
CA ARG B 23 -34.50 14.46 -4.65
C ARG B 23 -32.97 14.55 -4.76
N ASP B 24 -32.26 14.29 -3.66
CA ASP B 24 -30.76 14.29 -3.62
C ASP B 24 -30.19 13.31 -4.64
N ASN B 25 -29.03 13.61 -5.19
CA ASN B 25 -28.46 12.75 -6.25
C ASN B 25 -27.97 11.38 -5.75
N ILE B 26 -27.54 11.32 -4.50
CA ILE B 26 -27.14 10.07 -3.86
C ILE B 26 -28.25 9.02 -3.94
N GLN B 27 -29.49 9.47 -3.94
CA GLN B 27 -30.63 8.55 -3.95
C GLN B 27 -30.92 7.95 -5.34
N GLY B 28 -30.28 8.52 -6.36
CA GLY B 28 -30.29 7.95 -7.72
C GLY B 28 -29.51 6.65 -7.80
N ILE B 29 -28.66 6.43 -6.80
CA ILE B 29 -28.06 5.16 -6.61
C ILE B 29 -29.13 4.36 -5.89
N THR B 30 -29.85 3.59 -6.67
CA THR B 30 -31.12 3.06 -6.23
C THR B 30 -30.97 1.69 -5.61
N LYS B 31 -32.00 1.28 -4.89
CA LYS B 31 -32.08 -0.06 -4.33
C LYS B 31 -31.74 -1.16 -5.32
N PRO B 32 -32.31 -1.13 -6.52
CA PRO B 32 -32.07 -2.27 -7.42
C PRO B 32 -30.66 -2.30 -8.01
N ALA B 33 -30.03 -1.13 -8.15
CA ALA B 33 -28.64 -1.05 -8.59
C ALA B 33 -27.70 -1.54 -7.50
N ILE B 34 -27.97 -1.14 -6.25
CA ILE B 34 -27.15 -1.61 -5.13
C ILE B 34 -27.32 -3.12 -4.93
N ARG B 35 -28.53 -3.60 -5.14
CA ARG B 35 -28.81 -5.04 -5.12
C ARG B 35 -28.04 -5.79 -6.21
N ARG B 36 -27.92 -5.19 -7.40
CA ARG B 36 -27.18 -5.84 -8.52
C ARG B 36 -25.71 -6.03 -8.17
N LEU B 37 -25.09 -4.97 -7.65
CA LEU B 37 -23.71 -5.02 -7.18
C LEU B 37 -23.53 -6.13 -6.17
N ALA B 38 -24.28 -6.06 -5.08
CA ALA B 38 -24.24 -7.11 -4.09
C ALA B 38 -24.18 -8.45 -4.78
N ARG B 39 -25.07 -8.64 -5.75
CA ARG B 39 -25.28 -9.94 -6.40
C ARG B 39 -24.00 -10.39 -7.07
N ARG B 40 -23.38 -9.46 -7.78
CA ARG B 40 -22.10 -9.75 -8.40
C ARG B 40 -21.09 -10.19 -7.34
N GLY B 41 -21.20 -9.59 -6.15
CA GLY B 41 -20.37 -9.98 -5.00
C GLY B 41 -20.79 -11.21 -4.20
N GLY B 42 -21.84 -11.90 -4.65
CA GLY B 42 -22.19 -13.22 -4.12
C GLY B 42 -23.16 -13.17 -2.97
N VAL B 43 -23.83 -12.04 -2.81
CA VAL B 43 -24.77 -11.83 -1.72
C VAL B 43 -26.19 -12.32 -2.07
N LYS B 44 -26.77 -13.17 -1.20
CA LYS B 44 -28.08 -13.80 -1.42
C LYS B 44 -29.23 -13.00 -0.82
N ARG B 45 -29.07 -12.58 0.42
CA ARG B 45 -30.11 -11.89 1.17
C ARG B 45 -29.53 -10.60 1.73
N ILE B 46 -30.33 -9.54 1.75
CA ILE B 46 -29.87 -8.17 2.03
C ILE B 46 -30.78 -7.38 3.02
N SER B 47 -30.26 -7.05 4.18
CA SER B 47 -30.96 -6.18 5.12
C SER B 47 -31.34 -4.89 4.46
N GLY B 48 -32.53 -4.41 4.79
CA GLY B 48 -33.06 -3.13 4.30
C GLY B 48 -32.18 -1.95 4.59
N LEU B 49 -31.43 -1.99 5.69
CA LEU B 49 -30.62 -0.84 6.08
C LEU B 49 -29.34 -0.71 5.25
N ILE B 50 -29.00 -1.78 4.53
CA ILE B 50 -27.81 -1.80 3.68
C ILE B 50 -27.79 -0.67 2.66
N TYR B 51 -28.95 -0.23 2.16
CA TYR B 51 -28.97 0.65 0.98
C TYR B 51 -28.43 2.00 1.41
N GLU B 52 -28.84 2.47 2.58
CA GLU B 52 -28.28 3.72 3.09
C GLU B 52 -26.81 3.57 3.49
N GLU B 53 -26.44 2.43 4.06
CA GLU B 53 -25.04 2.24 4.44
C GLU B 53 -24.17 2.30 3.16
N THR B 54 -24.57 1.56 2.13
CA THR B 54 -23.81 1.50 0.91
C THR B 54 -23.66 2.87 0.25
N ARG B 55 -24.69 3.70 0.31
CA ARG B 55 -24.58 5.06 -0.25
C ARG B 55 -23.53 5.88 0.51
N GLY B 56 -23.54 5.79 1.85
CA GLY B 56 -22.54 6.45 2.67
C GLY B 56 -21.14 6.06 2.24
N VAL B 57 -20.90 4.75 2.20
CA VAL B 57 -19.63 4.20 1.75
C VAL B 57 -19.24 4.72 0.35
N LEU B 58 -20.19 4.73 -0.58
CA LEU B 58 -19.86 5.17 -1.94
C LEU B 58 -19.51 6.63 -1.98
N LYS B 59 -20.22 7.42 -1.18
CA LYS B 59 -19.95 8.84 -1.11
C LYS B 59 -18.54 9.10 -0.61
N VAL B 60 -18.09 8.37 0.42
CA VAL B 60 -16.75 8.59 0.96
C VAL B 60 -15.69 8.20 -0.06
N PHE B 61 -15.97 7.13 -0.83
CA PHE B 61 -15.02 6.62 -1.81
C PHE B 61 -14.80 7.72 -2.85
N LEU B 62 -15.91 8.20 -3.40
CA LEU B 62 -15.84 9.21 -4.43
C LEU B 62 -15.23 10.51 -3.92
N GLU B 63 -15.59 10.92 -2.70
CA GLU B 63 -14.96 12.11 -2.17
C GLU B 63 -13.46 11.97 -2.23
N ASN B 64 -12.93 10.86 -1.68
CA ASN B 64 -11.47 10.75 -1.54
C ASN B 64 -10.75 10.77 -2.86
N VAL B 65 -11.34 10.09 -3.84
CA VAL B 65 -10.75 9.96 -5.16
C VAL B 65 -10.92 11.24 -5.96
N ILE B 66 -12.13 11.79 -5.95
CA ILE B 66 -12.44 13.00 -6.71
C ILE B 66 -11.60 14.14 -6.17
N ARG B 67 -11.57 14.30 -4.85
CA ARG B 67 -10.65 15.29 -4.24
C ARG B 67 -9.26 15.23 -4.88
N ASP B 68 -8.69 14.05 -4.97
CA ASP B 68 -7.33 13.91 -5.43
C ASP B 68 -7.25 14.20 -6.93
N ALA B 69 -8.22 13.71 -7.70
CA ALA B 69 -8.26 13.96 -9.17
C ALA B 69 -8.33 15.46 -9.49
N VAL B 70 -9.35 16.11 -8.93
CA VAL B 70 -9.49 17.55 -9.04
C VAL B 70 -8.18 18.26 -8.68
N THR B 71 -7.54 17.86 -7.58
CA THR B 71 -6.25 18.43 -7.23
C THR B 71 -5.21 18.29 -8.32
N TYR B 72 -5.26 17.19 -9.05
CA TYR B 72 -4.45 17.06 -10.27
C TYR B 72 -4.85 18.08 -11.35
N THR B 73 -6.17 18.25 -11.53
CA THR B 73 -6.72 19.22 -12.48
C THR B 73 -6.24 20.65 -12.17
N GLU B 74 -6.52 21.11 -10.95
CA GLU B 74 -6.08 22.43 -10.50
C GLU B 74 -4.59 22.58 -10.75
N HIS B 75 -3.83 21.51 -10.56
CA HIS B 75 -2.39 21.65 -10.76
C HIS B 75 -2.03 21.92 -12.22
N ALA B 76 -2.69 21.23 -13.14
CA ALA B 76 -2.43 21.40 -14.56
C ALA B 76 -3.12 22.66 -15.11
N LYS B 77 -3.68 23.48 -14.23
CA LYS B 77 -4.36 24.70 -14.64
C LYS B 77 -5.46 24.43 -15.66
N ARG B 78 -6.30 23.43 -15.39
CA ARG B 78 -7.34 23.03 -16.33
C ARG B 78 -8.68 23.20 -15.64
N LYS B 79 -9.76 23.06 -16.41
CA LYS B 79 -11.12 23.12 -15.91
C LYS B 79 -11.85 21.82 -16.25
N THR B 80 -11.12 20.91 -16.89
CA THR B 80 -11.64 19.58 -17.21
C THR B 80 -10.83 18.49 -16.47
N VAL B 81 -11.55 17.67 -15.71
CA VAL B 81 -10.98 16.50 -15.07
C VAL B 81 -10.76 15.49 -16.16
N THR B 82 -9.50 15.15 -16.47
CA THR B 82 -9.25 14.12 -17.49
C THR B 82 -9.35 12.74 -16.88
N ALA B 83 -9.42 11.72 -17.73
CA ALA B 83 -9.36 10.35 -17.25
C ALA B 83 -8.01 10.10 -16.59
N MET B 84 -6.94 10.75 -17.05
CA MET B 84 -5.64 10.58 -16.45
C MET B 84 -5.62 11.18 -15.05
N ASP B 85 -6.30 12.29 -14.83
CA ASP B 85 -6.45 12.79 -13.46
C ASP B 85 -7.00 11.68 -12.54
N VAL B 86 -8.06 11.02 -12.99
CA VAL B 86 -8.73 10.00 -12.19
C VAL B 86 -7.80 8.79 -11.96
N VAL B 87 -7.16 8.34 -13.03
CA VAL B 87 -6.31 7.19 -12.98
C VAL B 87 -5.14 7.42 -12.04
N TYR B 88 -4.56 8.60 -12.08
CA TYR B 88 -3.53 8.94 -11.13
C TYR B 88 -4.02 8.95 -9.66
N ALA B 89 -5.26 9.36 -9.45
CA ALA B 89 -5.82 9.49 -8.09
C ALA B 89 -6.04 8.11 -7.57
N LEU B 90 -6.66 7.28 -8.40
CA LEU B 90 -6.82 5.87 -8.09
C LEU B 90 -5.49 5.16 -7.76
N LYS B 91 -4.42 5.49 -8.47
CA LYS B 91 -3.15 4.82 -8.19
C LYS B 91 -2.67 5.18 -6.81
N ARG B 92 -2.63 6.47 -6.47
CA ARG B 92 -2.13 6.82 -5.15
C ARG B 92 -3.05 6.43 -3.98
N GLN B 93 -4.36 6.20 -4.23
CA GLN B 93 -5.26 5.67 -3.20
C GLN B 93 -5.15 4.15 -3.11
N GLY B 94 -4.18 3.55 -3.81
CA GLY B 94 -4.05 2.11 -3.87
C GLY B 94 -5.13 1.32 -4.61
N ARG B 95 -5.87 2.00 -5.49
CA ARG B 95 -6.88 1.37 -6.33
C ARG B 95 -6.52 1.41 -7.82
N THR B 96 -5.28 1.08 -8.18
CA THR B 96 -4.83 1.15 -9.58
C THR B 96 -5.82 0.52 -10.53
N LEU B 97 -6.18 1.27 -11.57
CA LEU B 97 -7.14 0.86 -12.59
C LEU B 97 -6.46 0.72 -13.95
N TYR B 98 -6.76 -0.31 -14.71
CA TYR B 98 -6.18 -0.47 -16.04
C TYR B 98 -7.25 -0.25 -17.09
N GLY B 99 -6.83 0.35 -18.22
CA GLY B 99 -7.70 0.60 -19.35
C GLY B 99 -8.16 2.02 -19.65
N PHE B 100 -7.69 3.01 -18.93
CA PHE B 100 -8.08 4.39 -19.20
C PHE B 100 -6.86 5.30 -19.39
N GLY B 101 -5.74 4.70 -19.75
CA GLY B 101 -4.50 5.42 -20.00
C GLY B 101 -3.49 5.16 -18.91
N GLY B 102 -2.33 5.81 -19.03
CA GLY B 102 -1.24 5.65 -18.09
C GLY B 102 -0.60 4.27 -18.16
N ALA C 14 26.36 37.40 4.34
CA ALA C 14 26.81 36.19 5.12
C ALA C 14 25.64 35.36 5.71
N LYS C 15 24.45 35.43 5.10
CA LYS C 15 23.20 34.94 5.70
C LYS C 15 22.65 33.66 5.07
N THR C 16 22.30 32.68 5.92
CA THR C 16 21.69 31.44 5.44
C THR C 16 20.27 31.64 4.90
N ARG C 17 19.85 30.67 4.10
CA ARG C 17 18.56 30.71 3.45
C ARG C 17 17.47 30.34 4.43
N SER C 18 17.86 29.55 5.42
CA SER C 18 16.98 29.27 6.52
C SER C 18 16.62 30.58 7.19
N SER C 19 17.59 31.33 7.70
CA SER C 19 17.25 32.65 8.30
C SER C 19 16.55 33.59 7.30
N ARG C 20 16.90 33.55 6.03
CA ARG C 20 16.16 34.35 5.07
C ARG C 20 14.67 34.01 5.06
N ALA C 21 14.32 32.73 5.26
CA ALA C 21 12.90 32.26 5.19
C ALA C 21 12.19 32.17 6.54
N GLY C 22 12.98 32.36 7.60
CA GLY C 22 12.45 32.42 8.93
C GLY C 22 12.22 31.05 9.48
N LEU C 23 13.19 30.17 9.25
CA LEU C 23 13.05 28.74 9.49
C LEU C 23 14.23 28.19 10.25
N GLN C 24 13.94 27.23 11.13
CA GLN C 24 14.95 26.54 11.90
C GLN C 24 15.51 25.41 11.08
N PHE C 25 14.65 24.79 10.28
CA PHE C 25 15.04 23.64 9.48
C PHE C 25 15.96 24.06 8.33
N PRO C 26 16.82 23.16 7.88
CA PRO C 26 17.95 23.55 7.07
C PRO C 26 17.64 23.56 5.60
N VAL C 27 17.49 24.72 5.00
CA VAL C 27 17.13 24.80 3.59
C VAL C 27 18.23 24.25 2.65
N GLY C 28 19.48 24.61 2.88
CA GLY C 28 20.56 24.10 2.07
C GLY C 28 20.57 22.58 2.02
N ARG C 29 20.48 21.97 3.19
CA ARG C 29 20.43 20.51 3.35
C ARG C 29 19.28 19.92 2.53
N VAL C 30 18.10 20.49 2.72
CA VAL C 30 16.93 20.07 1.99
C VAL C 30 17.13 20.28 0.48
N HIS C 31 17.77 21.36 0.06
CA HIS C 31 18.07 21.55 -1.37
C HIS C 31 18.94 20.43 -1.86
N ARG C 32 19.99 20.13 -1.08
CA ARG C 32 20.97 19.14 -1.46
C ARG C 32 20.31 17.77 -1.61
N LEU C 33 19.41 17.42 -0.68
CA LEU C 33 18.81 16.08 -0.65
C LEU C 33 17.81 15.91 -1.76
N LEU C 34 17.20 17.00 -2.22
CA LEU C 34 16.32 16.93 -3.39
C LEU C 34 17.07 16.61 -4.68
N ARG C 35 18.25 17.20 -4.85
CA ARG C 35 19.04 16.98 -6.05
C ARG C 35 19.49 15.54 -6.17
N LYS C 36 20.17 15.06 -5.14
CA LYS C 36 20.70 13.69 -5.13
C LYS C 36 19.66 12.54 -5.03
N GLY C 37 18.39 12.87 -4.82
CA GLY C 37 17.35 11.85 -4.75
C GLY C 37 16.70 11.61 -6.09
N ASN C 38 17.11 12.37 -7.11
CA ASN C 38 16.61 12.20 -8.47
C ASN C 38 15.10 12.22 -8.58
N TYR C 39 14.50 13.32 -8.14
CA TYR C 39 13.06 13.46 -8.26
C TYR C 39 12.69 14.11 -9.60
N ALA C 40 13.61 14.89 -10.16
CA ALA C 40 13.40 15.64 -11.41
C ALA C 40 14.71 16.22 -11.95
N GLU C 41 14.76 16.59 -13.23
CA GLU C 41 16.00 17.20 -13.77
C GLU C 41 16.39 18.37 -12.86
N ARG C 42 15.46 19.29 -12.67
CA ARG C 42 15.75 20.57 -12.05
C ARG C 42 14.99 20.76 -10.76
N VAL C 43 15.61 21.48 -9.82
CA VAL C 43 14.97 21.83 -8.57
C VAL C 43 14.93 23.33 -8.34
N GLY C 44 13.74 23.90 -8.46
CA GLY C 44 13.54 25.31 -8.18
C GLY C 44 13.97 25.78 -6.79
N ALA C 45 14.12 27.10 -6.68
CA ALA C 45 14.67 27.74 -5.49
C ALA C 45 13.69 27.80 -4.32
N GLY C 46 12.40 27.87 -4.62
CA GLY C 46 11.40 27.90 -3.57
C GLY C 46 11.02 26.54 -3.04
N ALA C 47 11.38 25.47 -3.75
CA ALA C 47 10.98 24.12 -3.37
C ALA C 47 11.57 23.69 -2.03
N PRO C 48 12.90 23.74 -1.87
CA PRO C 48 13.47 23.36 -0.56
C PRO C 48 13.01 24.26 0.57
N VAL C 49 12.69 25.51 0.25
CA VAL C 49 12.14 26.44 1.23
C VAL C 49 10.76 25.99 1.70
N TYR C 50 9.87 25.71 0.74
CA TYR C 50 8.51 25.32 1.06
C TYR C 50 8.50 23.98 1.79
N LEU C 51 9.33 23.05 1.32
CA LEU C 51 9.38 21.73 1.90
C LEU C 51 9.98 21.78 3.32
N ALA C 52 11.04 22.56 3.48
CA ALA C 52 11.68 22.62 4.78
C ALA C 52 10.70 23.17 5.82
N ALA C 53 9.80 24.05 5.37
CA ALA C 53 8.81 24.62 6.26
C ALA C 53 7.72 23.62 6.67
N VAL C 54 7.28 22.84 5.70
CA VAL C 54 6.30 21.79 5.95
C VAL C 54 6.87 20.79 6.95
N LEU C 55 8.10 20.39 6.71
CA LEU C 55 8.81 19.49 7.62
C LEU C 55 8.84 20.07 9.00
N GLU C 56 9.16 21.36 9.11
CA GLU C 56 9.21 22.02 10.43
C GLU C 56 7.83 22.13 11.08
N TYR C 57 6.84 22.41 10.24
CA TYR C 57 5.48 22.52 10.73
C TYR C 57 5.04 21.18 11.35
N LEU C 58 5.16 20.09 10.59
CA LEU C 58 4.81 18.76 11.09
C LEU C 58 5.60 18.31 12.33
N THR C 59 6.90 18.57 12.36
CA THR C 59 7.64 18.11 13.52
C THR C 59 7.27 18.93 14.73
N ALA C 60 6.84 20.17 14.53
CA ALA C 60 6.45 20.99 15.68
C ALA C 60 5.13 20.51 16.29
N GLU C 61 4.22 20.17 15.40
CA GLU C 61 2.91 19.66 15.75
C GLU C 61 3.05 18.37 16.55
N ILE C 62 3.96 17.50 16.12
CA ILE C 62 4.10 16.23 16.85
C ILE C 62 4.79 16.42 18.21
N LEU C 63 5.80 17.27 18.25
CA LEU C 63 6.46 17.54 19.54
C LEU C 63 5.54 18.26 20.52
N GLU C 64 4.65 19.11 20.03
CA GLU C 64 3.76 19.81 20.94
C GLU C 64 2.96 18.76 21.66
N LEU C 65 2.33 17.89 20.88
CA LEU C 65 1.44 16.82 21.42
C LEU C 65 2.17 15.74 22.23
N ALA C 66 3.37 15.38 21.79
CA ALA C 66 4.23 14.44 22.52
C ALA C 66 4.71 15.01 23.87
N GLY C 67 5.11 16.28 23.84
CA GLY C 67 5.43 16.98 25.07
C GLY C 67 4.28 16.90 26.04
N ASN C 68 3.04 17.02 25.57
CA ASN C 68 1.93 16.99 26.50
C ASN C 68 1.76 15.62 27.12
N ALA C 69 2.11 14.59 26.37
CA ALA C 69 1.93 13.26 26.88
C ALA C 69 3.01 13.00 27.88
N ALA C 70 4.22 13.48 27.59
CA ALA C 70 5.28 13.45 28.61
C ALA C 70 4.81 14.11 29.92
N ARG C 71 4.14 15.25 29.83
CA ARG C 71 3.77 15.98 31.04
C ARG C 71 2.62 15.30 31.72
N ASP C 72 1.68 14.77 30.96
CA ASP C 72 0.61 13.98 31.55
C ASP C 72 1.11 12.71 32.32
N ASN C 73 2.35 12.24 32.06
CA ASN C 73 2.96 11.09 32.77
C ASN C 73 3.97 11.57 33.81
N LYS C 74 3.92 12.85 34.16
CA LYS C 74 4.94 13.47 35.00
C LYS C 74 6.37 13.14 34.58
N LYS C 75 6.64 13.31 33.29
CA LYS C 75 8.00 13.15 32.76
C LYS C 75 8.37 14.39 32.02
N THR C 76 9.66 14.49 31.79
CA THR C 76 10.35 15.65 31.29
C THR C 76 11.08 15.28 29.99
N ARG C 77 11.29 13.98 29.81
CA ARG C 77 11.95 13.50 28.64
C ARG C 77 10.96 12.73 27.78
N ILE C 78 10.69 13.25 26.60
CA ILE C 78 9.87 12.54 25.61
C ILE C 78 10.54 11.23 25.21
N ILE C 79 9.82 10.12 25.32
CA ILE C 79 10.28 8.83 24.84
C ILE C 79 9.29 8.30 23.77
N PRO C 80 9.59 7.14 23.18
CA PRO C 80 8.68 6.76 22.09
C PRO C 80 7.27 6.51 22.53
N ARG C 81 7.02 6.01 23.73
CA ARG C 81 5.61 5.87 24.14
C ARG C 81 4.87 7.18 23.96
N HIS C 82 5.51 8.32 24.29
CA HIS C 82 4.80 9.61 24.22
C HIS C 82 4.53 10.03 22.79
N LEU C 83 5.43 9.66 21.89
CA LEU C 83 5.23 9.92 20.47
C LEU C 83 4.04 9.07 19.95
N GLN C 84 3.97 7.85 20.43
CA GLN C 84 2.90 7.02 20.01
C GLN C 84 1.56 7.59 20.57
N LEU C 85 1.56 8.03 21.81
CA LEU C 85 0.33 8.58 22.35
C LEU C 85 -0.13 9.84 21.58
N ALA C 86 0.81 10.70 21.26
CA ALA C 86 0.54 11.87 20.44
C ALA C 86 -0.05 11.55 19.09
N VAL C 87 0.58 10.64 18.38
CA VAL C 87 0.18 10.31 17.03
C VAL C 87 -1.20 9.62 17.04
N ARG C 88 -1.36 8.62 17.90
CA ARG C 88 -2.51 7.78 17.84
C ARG C 88 -3.70 8.45 18.43
N ASN C 89 -3.51 9.48 19.23
CA ASN C 89 -4.64 10.19 19.83
C ASN C 89 -5.14 11.35 18.97
N ASP C 90 -4.41 11.66 17.90
CA ASP C 90 -4.74 12.69 16.95
C ASP C 90 -5.17 12.14 15.60
N GLU C 91 -6.45 12.27 15.28
CA GLU C 91 -7.01 11.73 14.05
C GLU C 91 -6.09 11.89 12.81
N GLU C 92 -5.53 13.08 12.62
CA GLU C 92 -4.83 13.40 11.37
C GLU C 92 -3.42 12.87 11.30
N LEU C 93 -2.68 13.00 12.40
CA LEU C 93 -1.41 12.33 12.52
C LEU C 93 -1.53 10.80 12.49
N ASN C 94 -2.52 10.25 13.18
CA ASN C 94 -2.84 8.83 13.07
C ASN C 94 -3.08 8.34 11.63
N LYS C 95 -3.73 9.14 10.82
CA LYS C 95 -3.94 8.75 9.43
C LYS C 95 -2.64 8.90 8.61
N LEU C 96 -1.91 9.99 8.83
CA LEU C 96 -0.71 10.25 8.05
C LEU C 96 0.29 9.15 8.28
N LEU C 97 0.27 8.61 9.49
CA LEU C 97 1.19 7.59 9.90
C LEU C 97 0.46 6.24 10.12
N GLY C 98 -0.58 6.02 9.34
CA GLY C 98 -1.45 4.88 9.57
C GLY C 98 -0.85 3.57 9.11
N ARG C 99 0.24 3.64 8.37
CA ARG C 99 0.92 2.46 7.92
C ARG C 99 2.39 2.50 8.38
N VAL C 100 2.60 3.07 9.58
CA VAL C 100 3.93 3.22 10.14
C VAL C 100 3.94 2.66 11.55
N THR C 101 5.08 2.14 11.97
CA THR C 101 5.22 1.56 13.30
C THR C 101 6.34 2.28 14.03
N ILE C 102 5.99 2.78 15.21
CA ILE C 102 6.92 3.48 16.10
C ILE C 102 7.44 2.42 17.05
N ALA C 103 8.67 2.05 16.84
CA ALA C 103 9.33 1.13 17.75
C ALA C 103 9.08 1.62 19.17
N GLN C 104 8.91 0.70 20.10
CA GLN C 104 8.73 1.00 21.52
C GLN C 104 7.57 1.95 21.91
N GLY C 105 6.57 2.00 21.05
CA GLY C 105 5.41 2.85 21.28
C GLY C 105 4.19 2.25 21.97
N GLY C 106 4.08 0.91 21.95
CA GLY C 106 2.93 0.23 22.54
C GLY C 106 1.67 0.52 21.76
N VAL C 107 0.55 0.29 22.42
CA VAL C 107 -0.76 0.59 21.83
C VAL C 107 -1.54 1.53 22.76
N LEU C 108 -2.67 2.05 22.33
CA LEU C 108 -3.57 2.80 23.24
C LEU C 108 -4.35 1.89 24.18
N PRO C 109 -4.48 2.27 25.45
CA PRO C 109 -5.43 1.48 26.26
C PRO C 109 -6.80 1.46 25.58
N ASN C 110 -7.35 0.28 25.37
CA ASN C 110 -8.65 0.15 24.81
C ASN C 110 -9.11 -1.30 24.91
N ILE C 111 -10.10 -1.50 25.77
CA ILE C 111 -10.81 -2.76 26.00
C ILE C 111 -12.23 -2.63 25.42
N GLN C 112 -12.67 -3.62 24.66
CA GLN C 112 -13.98 -3.55 24.03
C GLN C 112 -14.98 -3.78 25.13
N SER C 113 -16.13 -3.09 25.05
CA SER C 113 -17.19 -3.14 26.08
C SER C 113 -17.61 -4.51 26.57
N VAL C 114 -18.04 -5.37 25.66
CA VAL C 114 -18.60 -6.68 26.07
C VAL C 114 -17.66 -7.49 26.92
N LEU C 115 -16.38 -7.13 26.86
CA LEU C 115 -15.38 -7.85 27.62
C LEU C 115 -15.38 -7.52 29.10
N LEU C 116 -15.97 -6.37 29.47
CA LEU C 116 -16.00 -5.94 30.90
C LEU C 116 -16.99 -6.76 31.75
N PRO C 117 -16.81 -6.77 33.09
CA PRO C 117 -17.68 -7.59 33.95
C PRO C 117 -19.17 -7.21 33.99
N LYS C 118 -19.99 -8.16 34.46
CA LYS C 118 -21.42 -8.02 34.84
C LYS C 118 -22.35 -7.82 33.63
N LYS C 119 -23.30 -6.88 33.74
CA LYS C 119 -24.16 -6.48 32.62
C LYS C 119 -24.10 -4.97 32.37
N LYS D 31 35.58 7.01 9.79
CA LYS D 31 34.70 7.58 10.86
C LYS D 31 33.59 8.41 10.19
N THR D 32 32.88 7.77 9.27
CA THR D 32 32.11 8.52 8.26
C THR D 32 30.92 9.28 8.88
N ARG D 33 30.80 10.53 8.47
CA ARG D 33 29.83 11.45 9.05
C ARG D 33 28.40 11.07 8.68
N LYS D 34 27.61 10.78 9.70
CA LYS D 34 26.23 10.39 9.49
C LYS D 34 25.36 11.55 9.95
N GLU D 35 24.67 12.15 8.98
CA GLU D 35 23.80 13.30 9.22
C GLU D 35 22.42 12.92 9.70
N SER D 36 21.79 13.85 10.43
CA SER D 36 20.40 13.71 10.86
C SER D 36 19.77 15.06 11.07
N TYR D 37 18.46 15.07 11.27
CA TYR D 37 17.75 16.29 11.57
C TYR D 37 17.70 16.58 13.08
N ALA D 38 18.49 15.86 13.88
CA ALA D 38 18.42 15.96 15.31
C ALA D 38 18.53 17.40 15.86
N ILE D 39 19.43 18.21 15.34
CA ILE D 39 19.64 19.48 16.02
C ILE D 39 18.46 20.37 15.74
N TYR D 40 17.88 20.22 14.57
CA TYR D 40 16.74 21.05 14.21
C TYR D 40 15.51 20.59 14.97
N VAL D 41 15.32 19.29 15.08
CA VAL D 41 14.21 18.77 15.86
C VAL D 41 14.29 19.32 17.28
N TYR D 42 15.50 19.38 17.84
CA TYR D 42 15.75 19.90 19.19
C TYR D 42 15.44 21.41 19.30
N LYS D 43 15.87 22.20 18.32
CA LYS D 43 15.55 23.64 18.30
C LYS D 43 14.04 23.79 18.38
N VAL D 44 13.35 23.10 17.49
CA VAL D 44 11.91 23.17 17.41
C VAL D 44 11.30 22.65 18.72
N LEU D 45 11.94 21.66 19.32
CA LEU D 45 11.49 21.17 20.61
C LEU D 45 11.57 22.27 21.67
N LYS D 46 12.62 23.08 21.62
CA LYS D 46 12.83 24.07 22.68
C LYS D 46 11.88 25.22 22.50
N GLN D 47 11.61 25.54 21.25
CA GLN D 47 10.57 26.46 20.91
C GLN D 47 9.22 26.13 21.56
N VAL D 48 8.82 24.85 21.57
CA VAL D 48 7.43 24.52 21.97
C VAL D 48 7.28 24.01 23.38
N HIS D 49 8.28 23.29 23.85
CA HIS D 49 8.29 22.83 25.24
C HIS D 49 9.65 23.07 25.85
N PRO D 50 9.88 24.31 26.32
CA PRO D 50 11.23 24.77 26.68
C PRO D 50 11.86 23.98 27.82
N ASP D 51 11.09 23.25 28.61
CA ASP D 51 11.71 22.46 29.69
C ASP D 51 11.57 20.96 29.49
N THR D 52 11.42 20.55 28.25
CA THR D 52 11.24 19.16 27.93
C THR D 52 12.43 18.62 27.15
N GLY D 53 12.89 17.43 27.53
CA GLY D 53 13.93 16.74 26.78
C GLY D 53 13.40 15.62 25.88
N ILE D 54 14.28 15.05 25.08
CA ILE D 54 13.89 13.96 24.24
C ILE D 54 14.98 12.93 24.30
N SER D 55 14.58 11.66 24.44
CA SER D 55 15.50 10.52 24.51
C SER D 55 16.02 10.20 23.12
N SER D 56 17.18 9.55 23.02
CA SER D 56 17.78 9.34 21.72
C SER D 56 16.94 8.41 20.83
N LYS D 57 16.19 7.48 21.45
CA LYS D 57 15.32 6.60 20.69
C LYS D 57 14.15 7.42 20.17
N ALA D 58 13.61 8.30 21.02
CA ALA D 58 12.57 9.20 20.57
C ALA D 58 13.09 10.09 19.50
N MET D 59 14.33 10.55 19.60
CA MET D 59 14.88 11.36 18.50
C MET D 59 15.09 10.51 17.25
N SER D 60 15.38 9.24 17.43
CA SER D 60 15.66 8.43 16.25
C SER D 60 14.42 8.33 15.33
N ILE D 61 13.29 8.10 15.98
CA ILE D 61 11.96 8.12 15.41
C ILE D 61 11.58 9.49 14.83
N MET D 62 11.87 10.55 15.57
CA MET D 62 11.66 11.86 14.97
C MET D 62 12.49 11.97 13.69
N ASN D 63 13.74 11.49 13.73
CA ASN D 63 14.53 11.55 12.52
C ASN D 63 13.94 10.75 11.35
N SER D 64 13.42 9.55 11.67
CA SER D 64 12.79 8.70 10.67
C SER D 64 11.58 9.38 10.06
N PHE D 65 10.77 9.96 10.93
CA PHE D 65 9.56 10.68 10.53
C PHE D 65 9.84 11.78 9.55
N VAL D 66 10.87 12.59 9.81
CA VAL D 66 11.22 13.66 8.86
C VAL D 66 11.69 13.07 7.53
N ASN D 67 12.60 12.10 7.56
CA ASN D 67 13.03 11.44 6.34
C ASN D 67 11.87 10.85 5.58
N ASP D 68 10.94 10.25 6.30
CA ASP D 68 9.80 9.61 5.69
C ASP D 68 8.88 10.60 4.95
N VAL D 69 8.39 11.61 5.65
CA VAL D 69 7.60 12.66 5.03
C VAL D 69 8.35 13.39 3.88
N PHE D 70 9.65 13.61 4.03
CA PHE D 70 10.43 14.19 2.94
C PHE D 70 10.31 13.28 1.73
N GLU D 71 10.54 11.99 1.91
CA GLU D 71 10.54 11.09 0.78
C GLU D 71 9.17 11.03 0.14
N ARG D 72 8.13 10.98 0.97
CA ARG D 72 6.79 10.93 0.43
C ARG D 72 6.34 12.19 -0.28
N ILE D 73 6.73 13.38 0.20
CA ILE D 73 6.37 14.61 -0.52
C ILE D 73 7.13 14.71 -1.81
N ALA D 74 8.43 14.40 -1.72
CA ALA D 74 9.33 14.51 -2.88
C ALA D 74 8.92 13.56 -3.99
N GLY D 75 8.44 12.37 -3.62
CA GLY D 75 7.95 11.41 -4.58
C GLY D 75 6.71 11.88 -5.31
N GLU D 76 5.70 12.31 -4.56
CA GLU D 76 4.47 12.83 -5.19
C GLU D 76 4.84 13.96 -6.13
N ALA D 77 5.80 14.79 -5.74
CA ALA D 77 6.18 15.93 -6.55
C ALA D 77 6.84 15.44 -7.82
N SER D 78 7.66 14.42 -7.67
CA SER D 78 8.32 13.79 -8.79
C SER D 78 7.32 13.31 -9.83
N ARG D 79 6.37 12.52 -9.39
CA ARG D 79 5.32 11.98 -10.25
C ARG D 79 4.54 13.10 -10.91
N LEU D 80 4.10 14.04 -10.09
CA LEU D 80 3.32 15.17 -10.55
C LEU D 80 3.99 15.93 -11.71
N ALA D 81 5.27 16.23 -11.53
CA ALA D 81 6.05 16.85 -12.57
C ALA D 81 6.01 16.02 -13.84
N HIS D 82 6.29 14.72 -13.71
CA HIS D 82 6.31 13.86 -14.87
C HIS D 82 4.96 13.91 -15.53
N TYR D 83 3.90 13.66 -14.79
CA TYR D 83 2.57 13.65 -15.35
C TYR D 83 2.33 14.90 -16.20
N ASN D 84 2.88 16.03 -15.78
CA ASN D 84 2.71 17.29 -16.48
C ASN D 84 3.87 17.66 -17.41
N LYS D 85 4.70 16.68 -17.77
CA LYS D 85 5.86 16.91 -18.67
C LYS D 85 6.64 18.17 -18.31
N ARG D 86 6.97 18.29 -17.04
CA ARG D 86 7.81 19.34 -16.53
C ARG D 86 9.11 18.66 -16.12
N SER D 87 10.20 19.39 -16.26
CA SER D 87 11.48 18.91 -15.82
C SER D 87 11.85 19.51 -14.47
N THR D 88 11.05 20.44 -13.97
CA THR D 88 11.45 21.18 -12.77
C THR D 88 10.47 21.01 -11.60
N ILE D 89 11.03 20.77 -10.41
CA ILE D 89 10.23 20.74 -9.16
C ILE D 89 10.35 22.07 -8.45
N THR D 90 9.24 22.82 -8.48
CA THR D 90 9.14 24.12 -7.86
C THR D 90 8.31 24.05 -6.57
N SER D 91 8.17 25.18 -5.89
CA SER D 91 7.38 25.22 -4.68
C SER D 91 5.92 24.93 -5.01
N ARG D 92 5.50 25.24 -6.23
CA ARG D 92 4.15 24.84 -6.66
C ARG D 92 3.94 23.29 -6.68
N GLU D 93 4.90 22.53 -7.21
CA GLU D 93 4.81 21.06 -7.15
C GLU D 93 4.77 20.54 -5.71
N ILE D 94 5.67 21.05 -4.86
CA ILE D 94 5.66 20.66 -3.47
C ILE D 94 4.28 20.94 -2.85
N GLN D 95 3.71 22.08 -3.19
CA GLN D 95 2.42 22.47 -2.63
C GLN D 95 1.37 21.44 -2.97
N THR D 96 1.18 21.13 -4.23
CA THR D 96 0.24 20.07 -4.57
C THR D 96 0.53 18.73 -3.85
N ALA D 97 1.79 18.36 -3.74
CA ALA D 97 2.18 17.10 -3.12
C ALA D 97 1.76 17.12 -1.69
N VAL D 98 1.78 18.30 -1.09
CA VAL D 98 1.33 18.42 0.27
C VAL D 98 -0.19 18.20 0.43
N ARG D 99 -0.96 18.76 -0.49
CA ARG D 99 -2.41 18.61 -0.50
C ARG D 99 -2.83 17.21 -0.85
N LEU D 100 -2.01 16.52 -1.64
CA LEU D 100 -2.30 15.12 -1.98
C LEU D 100 -1.96 14.21 -0.81
N LEU D 101 -0.79 14.40 -0.24
CA LEU D 101 -0.30 13.55 0.82
C LEU D 101 -0.94 13.76 2.21
N LEU D 102 -1.06 15.00 2.67
CA LEU D 102 -1.56 15.22 4.05
C LEU D 102 -3.07 15.32 4.12
N PRO D 103 -3.64 15.08 5.30
CA PRO D 103 -5.06 15.19 5.51
C PRO D 103 -5.51 16.57 5.93
N GLY D 104 -6.78 16.86 5.63
CA GLY D 104 -7.40 18.18 5.72
C GLY D 104 -6.67 19.28 6.43
N GLU D 105 -6.80 19.29 7.74
CA GLU D 105 -6.32 20.40 8.49
C GLU D 105 -4.79 20.48 8.47
N LEU D 106 -4.07 19.36 8.58
CA LEU D 106 -2.61 19.43 8.53
C LEU D 106 -2.16 20.04 7.23
N ALA D 107 -2.83 19.66 6.15
CA ALA D 107 -2.57 20.21 4.83
C ALA D 107 -2.79 21.74 4.78
N LYS D 108 -3.93 22.19 5.29
CA LYS D 108 -4.25 23.63 5.31
C LYS D 108 -3.13 24.41 5.95
N HIS D 109 -2.73 23.99 7.15
CA HIS D 109 -1.71 24.71 7.90
C HIS D 109 -0.29 24.57 7.35
N ALA D 110 0.05 23.39 6.83
CA ALA D 110 1.38 23.17 6.24
C ALA D 110 1.52 24.11 5.06
N VAL D 111 0.48 24.18 4.25
CA VAL D 111 0.41 25.08 3.11
C VAL D 111 0.55 26.55 3.52
N SER D 112 -0.05 26.98 4.63
CA SER D 112 0.25 28.34 5.12
C SER D 112 1.72 28.56 5.32
N GLU D 113 2.33 27.68 6.11
CA GLU D 113 3.68 27.89 6.57
C GLU D 113 4.71 27.79 5.43
N GLY D 114 4.39 27.02 4.41
CA GLY D 114 5.27 26.92 3.27
C GLY D 114 5.10 28.12 2.36
N THR D 115 3.86 28.58 2.16
CA THR D 115 3.62 29.80 1.40
C THR D 115 4.30 30.99 2.12
N LYS D 116 4.00 31.14 3.39
CA LYS D 116 4.62 32.14 4.22
C LYS D 116 6.15 32.16 4.09
N ALA D 117 6.78 31.00 4.07
CA ALA D 117 8.24 30.95 4.04
C ALA D 117 8.81 31.29 2.67
N VAL D 118 8.07 30.97 1.62
CA VAL D 118 8.54 31.26 0.28
C VAL D 118 8.39 32.75 -0.02
N THR D 119 7.22 33.29 0.22
CA THR D 119 7.03 34.73 0.22
C THR D 119 8.13 35.48 0.97
N LYS D 120 8.34 35.13 2.23
CA LYS D 120 9.37 35.78 3.03
C LYS D 120 10.77 35.50 2.50
N TYR D 121 10.95 34.42 1.74
CA TYR D 121 12.27 34.12 1.17
C TYR D 121 12.59 35.00 -0.03
N THR D 122 11.59 35.15 -0.91
CA THR D 122 11.66 35.98 -2.10
C THR D 122 11.91 37.45 -1.72
N SER D 123 11.10 37.97 -0.80
CA SER D 123 11.25 39.38 -0.37
C SER D 123 12.54 39.65 0.46
N ALA D 124 13.22 38.59 0.91
CA ALA D 124 14.48 38.72 1.64
C ALA D 124 15.73 38.60 0.74
N LYS D 125 15.85 39.52 -0.22
CA LYS D 125 17.12 39.85 -0.90
C LYS D 125 16.95 41.11 -1.75
N PRO E 38 -7.38 -20.40 51.41
CA PRO E 38 -7.59 -20.73 50.00
C PRO E 38 -8.36 -19.63 49.28
N HIS E 39 -7.82 -19.06 48.22
CA HIS E 39 -8.52 -17.96 47.52
C HIS E 39 -8.33 -17.96 45.99
N ARG E 40 -9.32 -17.40 45.26
CA ARG E 40 -9.39 -17.38 43.78
C ARG E 40 -10.02 -16.15 43.11
N TYR E 41 -9.45 -15.74 41.98
CA TYR E 41 -10.14 -14.83 41.09
C TYR E 41 -11.03 -15.63 40.14
N ARG E 42 -12.17 -15.06 39.76
CA ARG E 42 -13.03 -15.67 38.74
C ARG E 42 -12.39 -15.58 37.33
N PRO E 43 -12.54 -16.62 36.50
CA PRO E 43 -12.02 -16.51 35.16
C PRO E 43 -12.40 -15.22 34.48
N GLY E 44 -11.38 -14.53 33.97
CA GLY E 44 -11.57 -13.26 33.25
C GLY E 44 -11.08 -12.06 34.03
N THR E 45 -10.91 -12.21 35.33
CA THR E 45 -10.51 -11.11 36.15
C THR E 45 -9.01 -10.90 35.98
N VAL E 46 -8.24 -11.99 35.95
CA VAL E 46 -6.79 -11.84 35.77
C VAL E 46 -6.56 -11.46 34.31
N ALA E 47 -7.44 -11.97 33.43
CA ALA E 47 -7.27 -11.70 32.01
C ALA E 47 -7.39 -10.17 31.74
N LEU E 48 -8.43 -9.54 32.27
CA LEU E 48 -8.54 -8.09 32.19
C LEU E 48 -7.37 -7.38 32.90
N ARG E 49 -6.90 -7.94 34.00
CA ARG E 49 -5.79 -7.34 34.70
C ARG E 49 -4.58 -7.26 33.73
N GLU E 50 -4.37 -8.34 33.00
CA GLU E 50 -3.25 -8.40 32.07
C GLU E 50 -3.40 -7.43 30.89
N ILE E 51 -4.61 -7.39 30.31
CA ILE E 51 -4.89 -6.43 29.25
C ILE E 51 -4.50 -5.02 29.72
N ARG E 52 -4.91 -4.63 30.93
CA ARG E 52 -4.61 -3.27 31.40
C ARG E 52 -3.12 -3.08 31.52
N ARG E 53 -2.43 -4.15 31.93
CA ARG E 53 -1.02 -4.10 32.21
C ARG E 53 -0.25 -3.99 30.93
N TYR E 54 -0.49 -4.92 30.00
CA TYR E 54 0.28 -4.94 28.77
C TYR E 54 -0.06 -3.76 27.85
N GLN E 55 -1.28 -3.23 27.94
CA GLN E 55 -1.65 -2.03 27.17
C GLN E 55 -1.02 -0.72 27.69
N LYS E 56 -0.54 -0.76 28.93
CA LYS E 56 0.10 0.36 29.58
C LYS E 56 1.59 0.42 29.26
N SER E 57 2.19 -0.71 28.89
CA SER E 57 3.63 -0.76 28.70
C SER E 57 4.00 -0.97 27.24
N THR E 58 5.31 -0.86 27.00
CA THR E 58 5.86 -1.04 25.68
C THR E 58 6.98 -2.08 25.53
N GLU E 59 7.31 -2.87 26.57
CA GLU E 59 8.38 -3.86 26.42
C GLU E 59 8.02 -4.92 25.41
N LEU E 60 9.01 -5.43 24.67
CA LEU E 60 8.77 -6.64 23.87
C LEU E 60 8.32 -7.80 24.76
N LEU E 61 7.37 -8.57 24.24
CA LEU E 61 6.70 -9.62 24.98
C LEU E 61 7.16 -11.04 24.58
N ILE E 62 7.97 -11.15 23.52
CA ILE E 62 8.58 -12.42 23.16
C ILE E 62 10.01 -12.38 23.70
N ARG E 63 10.51 -13.51 24.23
CA ARG E 63 11.84 -13.58 24.83
C ARG E 63 12.89 -13.39 23.73
N LYS E 64 13.97 -12.71 24.05
CA LYS E 64 14.88 -12.24 23.00
C LYS E 64 15.57 -13.36 22.24
N LEU E 65 16.17 -14.28 22.97
CA LEU E 65 16.98 -15.33 22.40
C LEU E 65 16.17 -16.29 21.54
N PRO E 66 15.06 -16.84 22.07
CA PRO E 66 14.21 -17.65 21.22
C PRO E 66 13.89 -16.95 19.91
N PHE E 67 13.44 -15.72 19.98
CA PHE E 67 13.08 -15.02 18.74
C PHE E 67 14.31 -14.93 17.82
N GLN E 68 15.49 -14.75 18.39
CA GLN E 68 16.72 -14.60 17.60
C GLN E 68 17.01 -15.89 16.85
N ARG E 69 16.82 -17.02 17.51
CA ARG E 69 17.13 -18.28 16.89
C ARG E 69 16.24 -18.48 15.72
N LEU E 70 14.95 -18.23 15.97
CA LEU E 70 13.92 -18.33 14.94
C LEU E 70 14.27 -17.50 13.72
N VAL E 71 14.79 -16.28 13.93
CA VAL E 71 15.21 -15.44 12.81
C VAL E 71 16.32 -16.18 12.06
N ARG E 72 17.34 -16.57 12.80
CA ARG E 72 18.53 -17.19 12.17
C ARG E 72 18.23 -18.49 11.43
N GLU E 73 17.27 -19.25 11.97
CA GLU E 73 16.82 -20.45 11.32
C GLU E 73 16.19 -20.12 10.00
N ILE E 74 15.22 -19.22 10.03
CA ILE E 74 14.49 -18.89 8.80
C ILE E 74 15.47 -18.33 7.80
N ALA E 75 16.30 -17.39 8.22
CA ALA E 75 17.28 -16.82 7.26
C ALA E 75 18.18 -17.89 6.66
N GLN E 76 18.70 -18.75 7.53
CA GLN E 76 19.58 -19.84 7.09
C GLN E 76 18.95 -20.62 5.97
N ASP E 77 17.68 -21.00 6.13
CA ASP E 77 16.97 -21.71 5.06
C ASP E 77 16.96 -20.94 3.71
N PHE E 78 16.96 -19.62 3.73
CA PHE E 78 17.12 -18.83 2.53
C PHE E 78 18.56 -18.73 2.10
N LYS E 79 19.49 -18.65 3.05
CA LYS E 79 20.88 -18.39 2.72
C LYS E 79 21.85 -18.64 3.91
N THR E 80 22.84 -19.48 3.67
CA THR E 80 23.78 -19.87 4.70
C THR E 80 24.89 -18.87 4.91
N ASP E 81 25.57 -19.04 6.05
CA ASP E 81 26.73 -18.21 6.43
C ASP E 81 26.36 -16.72 6.48
N LEU E 82 25.19 -16.43 7.05
CA LEU E 82 24.70 -15.08 7.22
C LEU E 82 24.92 -14.63 8.65
N ARG E 83 25.23 -13.36 8.84
CA ARG E 83 25.26 -12.77 10.18
C ARG E 83 24.16 -11.71 10.28
N PHE E 84 23.89 -11.22 11.48
CA PHE E 84 22.90 -10.17 11.68
C PHE E 84 23.41 -9.14 12.63
N GLN E 85 23.34 -7.87 12.27
CA GLN E 85 23.49 -6.79 13.25
C GLN E 85 22.45 -7.01 14.31
N SER E 86 22.77 -6.74 15.56
CA SER E 86 21.79 -7.09 16.57
C SER E 86 20.58 -6.17 16.42
N SER E 87 20.76 -4.95 15.93
CA SER E 87 19.62 -4.04 15.77
C SER E 87 18.68 -4.52 14.65
N ALA E 88 19.22 -5.31 13.73
CA ALA E 88 18.40 -5.91 12.70
C ALA E 88 17.42 -6.88 13.30
N VAL E 89 17.89 -7.66 14.22
CA VAL E 89 17.01 -8.63 14.86
C VAL E 89 15.96 -7.88 15.67
N MET E 90 16.40 -6.82 16.33
CA MET E 90 15.54 -6.00 17.13
C MET E 90 14.49 -5.34 16.24
N ALA E 91 14.91 -4.92 15.05
CA ALA E 91 13.94 -4.29 14.13
C ALA E 91 12.86 -5.27 13.76
N LEU E 92 13.26 -6.52 13.49
CA LEU E 92 12.32 -7.59 13.16
C LEU E 92 11.40 -7.86 14.33
N GLN E 93 11.95 -7.84 15.53
CA GLN E 93 11.11 -8.17 16.66
C GLN E 93 10.06 -7.10 16.87
N GLU E 94 10.47 -5.84 16.87
CA GLU E 94 9.53 -4.73 16.98
C GLU E 94 8.49 -4.80 15.86
N ALA E 95 8.90 -5.13 14.65
CA ALA E 95 7.91 -5.17 13.58
C ALA E 95 7.00 -6.36 13.78
N SER E 96 7.56 -7.52 14.16
CA SER E 96 6.77 -8.76 14.35
C SER E 96 5.73 -8.64 15.45
N GLU E 97 6.13 -8.17 16.61
CA GLU E 97 5.17 -7.94 17.70
C GLU E 97 4.14 -6.86 17.35
N ALA E 98 4.51 -5.82 16.65
CA ALA E 98 3.50 -4.80 16.33
C ALA E 98 2.51 -5.39 15.37
N TYR E 99 3.01 -6.23 14.46
CA TYR E 99 2.12 -6.89 13.53
C TYR E 99 1.14 -7.79 14.28
N LEU E 100 1.68 -8.60 15.19
CA LEU E 100 0.83 -9.60 15.82
C LEU E 100 -0.18 -8.96 16.75
N VAL E 101 0.23 -7.94 17.49
CA VAL E 101 -0.69 -7.24 18.37
C VAL E 101 -1.87 -6.67 17.58
N ALA E 102 -1.59 -6.04 16.46
CA ALA E 102 -2.67 -5.46 15.64
C ALA E 102 -3.59 -6.57 15.06
N LEU E 103 -3.00 -7.68 14.67
CA LEU E 103 -3.75 -8.83 14.14
C LEU E 103 -4.72 -9.35 15.19
N PHE E 104 -4.26 -9.46 16.43
CA PHE E 104 -5.15 -9.83 17.54
C PHE E 104 -6.26 -8.82 17.82
N GLU E 105 -6.07 -7.52 17.59
CA GLU E 105 -7.25 -6.61 17.71
C GLU E 105 -8.25 -7.00 16.64
N ASP E 106 -7.78 -7.15 15.41
CA ASP E 106 -8.73 -7.46 14.32
C ASP E 106 -9.40 -8.78 14.59
N THR E 107 -8.62 -9.74 15.12
CA THR E 107 -9.13 -11.07 15.43
C THR E 107 -10.19 -10.99 16.51
N ASN E 108 -9.90 -10.21 17.53
CA ASN E 108 -10.78 -10.03 18.65
C ASN E 108 -12.09 -9.40 18.24
N LEU E 109 -12.01 -8.47 17.28
CA LEU E 109 -13.23 -7.88 16.66
C LEU E 109 -14.01 -8.90 15.86
N CYS E 110 -13.32 -9.86 15.26
CA CYS E 110 -13.97 -10.94 14.53
C CYS E 110 -14.74 -11.95 15.42
N ALA E 111 -14.13 -12.41 16.52
CA ALA E 111 -14.88 -13.14 17.53
C ALA E 111 -16.09 -12.36 18.04
N ILE E 112 -15.90 -11.08 18.35
CA ILE E 112 -16.98 -10.31 18.98
C ILE E 112 -18.11 -10.16 18.00
N HIS E 113 -17.78 -10.07 16.72
CA HIS E 113 -18.81 -10.03 15.68
C HIS E 113 -19.70 -11.27 15.71
N ALA E 114 -19.08 -12.41 16.08
CA ALA E 114 -19.72 -13.73 16.14
C ALA E 114 -20.34 -14.00 17.48
N LYS E 115 -20.62 -12.92 18.20
CA LYS E 115 -21.19 -13.00 19.53
C LYS E 115 -20.39 -13.90 20.47
N ARG E 116 -19.08 -13.96 20.30
CA ARG E 116 -18.19 -14.63 21.24
C ARG E 116 -17.21 -13.65 21.91
N VAL E 117 -16.53 -14.14 22.94
CA VAL E 117 -15.45 -13.41 23.58
C VAL E 117 -14.13 -14.21 23.52
N THR E 118 -14.19 -15.37 22.88
CA THR E 118 -13.05 -16.25 22.74
C THR E 118 -12.52 -16.27 21.31
N ILE E 119 -11.34 -15.71 21.07
CA ILE E 119 -10.76 -15.77 19.73
C ILE E 119 -10.42 -17.22 19.29
N MET E 120 -10.71 -17.55 18.04
CA MET E 120 -10.43 -18.89 17.51
C MET E 120 -9.71 -18.76 16.18
N PRO E 121 -9.13 -19.84 15.68
CA PRO E 121 -8.48 -19.77 14.40
C PRO E 121 -9.34 -19.18 13.29
N LYS E 122 -10.63 -19.47 13.29
CA LYS E 122 -11.49 -18.94 12.24
C LYS E 122 -11.48 -17.42 12.28
N ASP E 123 -11.35 -16.83 13.46
CA ASP E 123 -11.28 -15.37 13.55
C ASP E 123 -9.98 -14.85 12.96
N ILE E 124 -8.87 -15.51 13.21
CA ILE E 124 -7.60 -15.04 12.65
C ILE E 124 -7.71 -15.09 11.13
N GLN E 125 -8.23 -16.20 10.62
CA GLN E 125 -8.37 -16.37 9.18
C GLN E 125 -9.29 -15.35 8.54
N LEU E 126 -10.36 -14.99 9.21
CA LEU E 126 -11.27 -14.05 8.58
C LEU E 126 -10.54 -12.72 8.52
N ALA E 127 -9.81 -12.37 9.59
CA ALA E 127 -9.04 -11.12 9.63
C ALA E 127 -8.05 -11.00 8.51
N ARG E 128 -7.37 -12.10 8.25
CA ARG E 128 -6.32 -12.07 7.27
C ARG E 128 -6.88 -12.09 5.87
N ARG E 129 -8.06 -12.67 5.64
CA ARG E 129 -8.65 -12.64 4.31
C ARG E 129 -9.11 -11.21 4.03
N ILE E 130 -9.88 -10.63 4.93
CA ILE E 130 -10.30 -9.26 4.73
C ILE E 130 -9.12 -8.31 4.62
N ARG E 131 -8.06 -8.53 5.40
CA ARG E 131 -6.84 -7.68 5.25
C ARG E 131 -6.11 -7.81 3.89
N GLY E 132 -6.44 -8.79 3.07
CA GLY E 132 -5.76 -8.96 1.81
C GLY E 132 -4.48 -9.71 1.97
N GLU E 133 -4.34 -10.45 3.07
CA GLU E 133 -3.19 -11.34 3.28
C GLU E 133 -3.50 -12.70 2.65
N ARG E 134 -4.69 -12.82 2.06
CA ARG E 134 -4.98 -13.83 1.05
C ARG E 134 -5.98 -13.31 -0.01
N LYS F 16 36.35 -21.21 11.41
CA LYS F 16 35.36 -21.72 12.41
C LYS F 16 35.32 -23.25 12.38
N ARG F 17 35.19 -23.84 13.57
CA ARG F 17 34.98 -25.29 13.69
C ARG F 17 33.57 -25.58 14.19
N HIS F 18 32.82 -26.34 13.38
CA HIS F 18 31.47 -26.83 13.69
C HIS F 18 30.49 -25.66 13.66
N ARG F 19 29.20 -25.97 13.67
CA ARG F 19 28.18 -24.94 13.50
C ARG F 19 26.81 -25.48 13.90
N LYS F 20 26.39 -25.20 15.13
CA LYS F 20 25.15 -25.74 15.70
C LYS F 20 23.93 -25.80 14.74
N VAL F 21 23.20 -26.90 14.76
CA VAL F 21 22.04 -27.07 13.91
C VAL F 21 20.85 -26.42 14.57
N LEU F 22 20.10 -25.65 13.78
CA LEU F 22 18.90 -24.94 14.19
C LEU F 22 17.71 -25.72 13.76
N ARG F 23 16.82 -26.09 14.69
CA ARG F 23 15.55 -26.71 14.30
C ARG F 23 14.46 -26.53 15.34
N ASP F 24 13.21 -26.44 14.87
CA ASP F 24 12.05 -26.28 15.74
C ASP F 24 12.00 -25.00 16.60
N ASN F 25 12.83 -24.02 16.28
CA ASN F 25 12.85 -22.82 17.03
C ASN F 25 11.52 -22.07 17.07
N ILE F 26 10.63 -22.33 16.13
CA ILE F 26 9.30 -21.76 16.16
C ILE F 26 8.68 -21.99 17.53
N GLN F 27 9.14 -23.01 18.24
CA GLN F 27 8.52 -23.40 19.53
C GLN F 27 9.02 -22.57 20.70
N GLY F 28 9.97 -21.69 20.44
CA GLY F 28 10.38 -20.70 21.44
C GLY F 28 9.39 -19.56 21.61
N ILE F 29 8.45 -19.47 20.67
CA ILE F 29 7.34 -18.53 20.73
C ILE F 29 6.32 -19.27 21.59
N THR F 30 6.45 -19.08 22.90
CA THR F 30 5.73 -19.91 23.86
C THR F 30 4.28 -19.54 24.01
N LYS F 31 3.48 -20.47 24.51
CA LYS F 31 2.09 -20.17 24.91
C LYS F 31 1.95 -18.87 25.71
N PRO F 32 2.75 -18.67 26.76
CA PRO F 32 2.61 -17.42 27.49
C PRO F 32 3.03 -16.17 26.73
N ALA F 33 4.02 -16.27 25.83
CA ALA F 33 4.43 -15.05 25.15
C ALA F 33 3.31 -14.63 24.15
N ILE F 34 2.59 -15.62 23.62
CA ILE F 34 1.54 -15.40 22.65
C ILE F 34 0.33 -14.86 23.38
N ARG F 35 0.12 -15.31 24.60
CA ARG F 35 -0.95 -14.79 25.42
C ARG F 35 -0.68 -13.32 25.77
N ARG F 36 0.55 -12.98 26.09
CA ARG F 36 0.83 -11.59 26.36
C ARG F 36 0.49 -10.73 25.13
N LEU F 37 0.87 -11.16 23.92
CA LEU F 37 0.61 -10.35 22.69
C LEU F 37 -0.91 -10.18 22.47
N ALA F 38 -1.65 -11.26 22.60
CA ALA F 38 -3.12 -11.21 22.66
C ALA F 38 -3.64 -10.14 23.61
N ARG F 39 -3.04 -10.09 24.79
CA ARG F 39 -3.46 -9.18 25.85
C ARG F 39 -3.20 -7.74 25.45
N ARG F 40 -1.99 -7.48 24.98
CA ARG F 40 -1.72 -6.16 24.48
C ARG F 40 -2.76 -5.83 23.43
N GLY F 41 -3.22 -6.84 22.71
CA GLY F 41 -4.20 -6.63 21.65
C GLY F 41 -5.63 -6.65 22.12
N GLY F 42 -5.81 -6.80 23.44
CA GLY F 42 -7.12 -6.61 24.06
C GLY F 42 -7.95 -7.87 24.13
N VAL F 43 -7.30 -9.02 24.07
CA VAL F 43 -8.00 -10.28 23.99
C VAL F 43 -8.16 -10.80 25.39
N LYS F 44 -9.37 -11.26 25.72
CA LYS F 44 -9.71 -11.76 27.04
C LYS F 44 -9.62 -13.26 27.14
N ARG F 45 -10.15 -13.96 26.13
CA ARG F 45 -10.23 -15.41 26.19
C ARG F 45 -9.63 -16.01 24.93
N ILE F 46 -8.85 -17.07 25.06
CA ILE F 46 -8.05 -17.62 23.96
C ILE F 46 -8.20 -19.15 23.82
N SER F 47 -8.82 -19.56 22.71
CA SER F 47 -8.97 -20.95 22.36
C SER F 47 -7.60 -21.61 22.28
N GLY F 48 -7.53 -22.89 22.61
CA GLY F 48 -6.22 -23.59 22.67
C GLY F 48 -5.54 -23.79 21.32
N LEU F 49 -6.33 -23.67 20.26
CA LEU F 49 -5.80 -23.81 18.92
C LEU F 49 -5.11 -22.54 18.41
N ILE F 50 -5.28 -21.43 19.14
CA ILE F 50 -4.78 -20.15 18.70
C ILE F 50 -3.27 -20.22 18.60
N TYR F 51 -2.64 -20.90 19.55
CA TYR F 51 -1.16 -20.89 19.63
C TYR F 51 -0.49 -21.47 18.40
N GLU F 52 -0.90 -22.65 17.91
CA GLU F 52 -0.28 -23.15 16.68
C GLU F 52 -0.57 -22.21 15.48
N GLU F 53 -1.78 -21.69 15.41
CA GLU F 53 -2.15 -20.82 14.33
C GLU F 53 -1.30 -19.58 14.35
N THR F 54 -1.14 -18.98 15.52
CA THR F 54 -0.28 -17.82 15.65
C THR F 54 1.18 -18.11 15.25
N ARG F 55 1.70 -19.26 15.62
CA ARG F 55 3.07 -19.59 15.23
C ARG F 55 3.18 -19.61 13.71
N GLY F 56 2.16 -20.19 13.05
CA GLY F 56 2.17 -20.30 11.60
C GLY F 56 2.19 -18.93 10.96
N VAL F 57 1.24 -18.09 11.37
CA VAL F 57 1.14 -16.73 10.89
C VAL F 57 2.43 -15.97 11.12
N LEU F 58 3.07 -16.14 12.29
CA LEU F 58 4.35 -15.47 12.51
C LEU F 58 5.43 -15.97 11.56
N LYS F 59 5.43 -17.28 11.30
CA LYS F 59 6.44 -17.87 10.44
C LYS F 59 6.36 -17.29 9.04
N VAL F 60 5.14 -17.14 8.54
CA VAL F 60 4.90 -16.53 7.24
C VAL F 60 5.34 -15.07 7.23
N PHE F 61 5.03 -14.33 8.29
CA PHE F 61 5.37 -12.94 8.28
C PHE F 61 6.88 -12.80 8.19
N LEU F 62 7.61 -13.50 9.05
CA LEU F 62 9.09 -13.49 9.02
C LEU F 62 9.75 -13.95 7.71
N GLU F 63 9.27 -15.06 7.14
CA GLU F 63 9.78 -15.50 5.85
C GLU F 63 9.72 -14.35 4.85
N ASN F 64 8.60 -13.65 4.82
CA ASN F 64 8.41 -12.64 3.79
C ASN F 64 9.37 -11.50 3.98
N VAL F 65 9.57 -11.12 5.24
CA VAL F 65 10.33 -9.93 5.49
C VAL F 65 11.79 -10.28 5.42
N ILE F 66 12.16 -11.45 5.90
CA ILE F 66 13.56 -11.86 5.85
C ILE F 66 14.02 -12.10 4.41
N ARG F 67 13.18 -12.72 3.59
CA ARG F 67 13.53 -12.94 2.19
C ARG F 67 13.94 -11.61 1.57
N ASP F 68 13.11 -10.61 1.72
CA ASP F 68 13.39 -9.31 1.12
C ASP F 68 14.63 -8.71 1.75
N ALA F 69 14.75 -8.89 3.06
CA ALA F 69 15.86 -8.27 3.74
C ALA F 69 17.14 -8.88 3.26
N VAL F 70 17.18 -10.22 3.20
CA VAL F 70 18.36 -10.94 2.70
C VAL F 70 18.63 -10.66 1.22
N THR F 71 17.59 -10.50 0.42
CA THR F 71 17.82 -10.10 -0.95
C THR F 71 18.61 -8.79 -1.02
N TYR F 72 18.24 -7.80 -0.19
CA TYR F 72 19.00 -6.53 -0.13
C TYR F 72 20.46 -6.80 0.33
N THR F 73 20.62 -7.59 1.37
CA THR F 73 21.94 -7.96 1.80
C THR F 73 22.78 -8.51 0.65
N GLU F 74 22.23 -9.45 -0.12
CA GLU F 74 22.98 -10.08 -1.20
C GLU F 74 23.24 -9.09 -2.30
N HIS F 75 22.27 -8.21 -2.58
CA HIS F 75 22.48 -7.26 -3.66
C HIS F 75 23.62 -6.32 -3.36
N ALA F 76 23.81 -6.04 -2.07
CA ALA F 76 24.93 -5.24 -1.62
C ALA F 76 26.24 -6.03 -1.56
N LYS F 77 26.22 -7.33 -1.86
CA LYS F 77 27.40 -8.23 -1.70
C LYS F 77 27.93 -8.32 -0.26
N ARG F 78 27.03 -8.35 0.72
CA ARG F 78 27.40 -8.52 2.12
C ARG F 78 26.99 -9.87 2.66
N LYS F 79 27.58 -10.25 3.79
CA LYS F 79 27.23 -11.48 4.51
C LYS F 79 26.46 -11.18 5.77
N THR F 80 26.29 -9.90 6.05
CA THR F 80 25.64 -9.46 7.26
C THR F 80 24.36 -8.73 6.91
N VAL F 81 23.29 -9.12 7.58
CA VAL F 81 21.99 -8.48 7.42
C VAL F 81 21.96 -7.24 8.32
N THR F 82 21.85 -6.05 7.73
CA THR F 82 21.82 -4.83 8.54
C THR F 82 20.40 -4.54 8.94
N ALA F 83 20.27 -3.79 10.02
CA ALA F 83 19.05 -3.06 10.34
C ALA F 83 18.42 -2.37 9.13
N MET F 84 19.24 -1.79 8.26
CA MET F 84 18.73 -1.11 7.09
C MET F 84 18.16 -2.06 6.04
N ASP F 85 18.72 -3.26 5.91
CA ASP F 85 18.13 -4.24 5.02
C ASP F 85 16.70 -4.52 5.49
N VAL F 86 16.53 -4.70 6.80
CA VAL F 86 15.20 -5.00 7.38
C VAL F 86 14.23 -3.82 7.29
N VAL F 87 14.75 -2.61 7.49
CA VAL F 87 13.94 -1.45 7.38
C VAL F 87 13.43 -1.25 5.96
N TYR F 88 14.28 -1.43 4.96
CA TYR F 88 13.87 -1.37 3.57
C TYR F 88 12.94 -2.48 3.18
N ALA F 89 13.06 -3.63 3.79
CA ALA F 89 12.16 -4.74 3.44
C ALA F 89 10.82 -4.42 4.01
N LEU F 90 10.81 -3.90 5.24
CA LEU F 90 9.59 -3.56 5.92
C LEU F 90 8.87 -2.45 5.14
N LYS F 91 9.61 -1.53 4.55
CA LYS F 91 8.96 -0.48 3.83
C LYS F 91 8.28 -1.03 2.58
N ARG F 92 8.96 -1.89 1.83
CA ARG F 92 8.36 -2.48 0.60
C ARG F 92 7.07 -3.19 0.87
N GLN F 93 7.02 -3.82 2.02
CA GLN F 93 5.89 -4.60 2.37
C GLN F 93 4.80 -3.82 3.06
N GLY F 94 4.86 -2.48 3.03
CA GLY F 94 3.85 -1.66 3.66
C GLY F 94 3.78 -1.73 5.17
N ARG F 95 4.90 -2.00 5.83
CA ARG F 95 4.99 -2.08 7.27
C ARG F 95 6.19 -1.22 7.73
N THR F 96 6.32 -0.03 7.17
CA THR F 96 7.34 0.97 7.61
C THR F 96 7.63 1.08 9.09
N LEU F 97 8.88 1.06 9.45
CA LEU F 97 9.28 1.04 10.87
C LEU F 97 10.15 2.23 11.14
N TYR F 98 9.80 3.00 12.15
CA TYR F 98 10.64 4.06 12.61
C TYR F 98 11.41 3.60 13.85
N GLY F 99 12.64 4.06 13.98
CA GLY F 99 13.41 3.84 15.22
C GLY F 99 14.74 3.15 15.03
N PHE F 100 15.03 2.70 13.79
CA PHE F 100 16.21 1.91 13.46
C PHE F 100 17.03 2.43 12.29
N GLY F 101 16.79 3.66 11.84
CA GLY F 101 17.58 4.27 10.77
C GLY F 101 16.85 4.64 9.49
N GLY F 102 15.54 4.57 9.48
CA GLY F 102 14.83 5.09 8.29
C GLY F 102 13.39 5.56 8.52
N ALA G 14 22.00 -0.57 -40.45
CA ALA G 14 21.51 -0.46 -39.04
C ALA G 14 20.62 -1.67 -38.65
N LYS G 15 20.73 -2.12 -37.40
CA LYS G 15 19.93 -3.26 -36.88
C LYS G 15 19.49 -3.05 -35.42
N THR G 16 18.18 -3.16 -35.17
CA THR G 16 17.59 -2.80 -33.86
C THR G 16 18.12 -3.65 -32.72
N ARG G 17 18.26 -2.99 -31.57
CA ARG G 17 18.79 -3.66 -30.38
C ARG G 17 17.89 -4.79 -29.89
N SER G 18 16.60 -4.65 -30.17
CA SER G 18 15.66 -5.72 -29.92
C SER G 18 16.01 -6.94 -30.75
N SER G 19 16.19 -6.77 -32.06
CA SER G 19 16.53 -7.90 -32.93
C SER G 19 17.85 -8.54 -32.52
N ARG G 20 18.81 -7.73 -32.10
CA ARG G 20 20.07 -8.25 -31.55
C ARG G 20 19.82 -9.12 -30.33
N ALA G 21 18.92 -8.66 -29.45
CA ALA G 21 18.59 -9.37 -28.21
C ALA G 21 17.48 -10.41 -28.41
N GLY G 22 16.87 -10.42 -29.58
CA GLY G 22 15.97 -11.51 -29.97
C GLY G 22 14.59 -11.23 -29.44
N LEU G 23 14.27 -9.95 -29.33
CA LEU G 23 13.10 -9.52 -28.63
C LEU G 23 12.18 -8.74 -29.54
N GLN G 24 10.88 -8.94 -29.32
CA GLN G 24 9.82 -8.18 -29.95
C GLN G 24 9.53 -6.86 -29.25
N PHE G 25 10.25 -6.52 -28.19
CA PHE G 25 9.87 -5.38 -27.35
C PHE G 25 10.98 -4.36 -27.43
N PRO G 26 10.61 -3.07 -27.51
CA PRO G 26 11.56 -2.04 -27.94
C PRO G 26 12.58 -1.71 -26.88
N VAL G 27 13.74 -2.32 -27.03
CA VAL G 27 14.88 -2.07 -26.17
C VAL G 27 15.21 -0.59 -26.19
N GLY G 28 15.20 0.02 -27.36
CA GLY G 28 15.51 1.43 -27.46
C GLY G 28 14.58 2.25 -26.61
N ARG G 29 13.28 2.13 -26.85
CA ARG G 29 12.28 2.89 -26.12
C ARG G 29 12.43 2.69 -24.64
N VAL G 30 12.58 1.42 -24.24
CA VAL G 30 12.76 1.12 -22.84
C VAL G 30 13.95 1.91 -22.32
N HIS G 31 15.04 1.91 -23.07
CA HIS G 31 16.24 2.64 -22.65
C HIS G 31 15.91 4.11 -22.40
N ARG G 32 15.20 4.70 -23.35
CA ARG G 32 14.91 6.12 -23.30
C ARG G 32 14.04 6.38 -22.09
N LEU G 33 12.90 5.68 -22.05
CA LEU G 33 11.95 5.79 -20.93
C LEU G 33 12.65 5.67 -19.56
N LEU G 34 13.63 4.80 -19.42
CA LEU G 34 14.49 4.79 -18.22
C LEU G 34 15.28 6.08 -17.97
N ARG G 35 15.84 6.72 -18.99
CA ARG G 35 16.63 7.95 -18.76
C ARG G 35 15.71 9.07 -18.31
N LYS G 36 14.61 9.25 -19.03
CA LYS G 36 13.78 10.42 -18.80
C LYS G 36 12.79 10.11 -17.68
N GLY G 37 13.16 9.17 -16.81
CA GLY G 37 12.35 8.73 -15.69
C GLY G 37 12.97 9.09 -14.35
N ASN G 38 14.15 9.70 -14.36
CA ASN G 38 14.80 10.10 -13.12
C ASN G 38 14.87 8.94 -12.15
N TYR G 39 15.19 7.78 -12.69
CA TYR G 39 15.38 6.59 -11.87
C TYR G 39 16.83 6.55 -11.33
N ALA G 40 17.79 6.92 -12.18
CA ALA G 40 19.18 7.18 -11.73
C ALA G 40 19.94 8.12 -12.65
N GLU G 41 21.05 8.70 -12.15
CA GLU G 41 21.95 9.54 -12.99
C GLU G 41 22.25 8.86 -14.34
N ARG G 42 22.47 7.55 -14.29
CA ARG G 42 23.04 6.78 -15.38
C ARG G 42 22.31 5.46 -15.56
N VAL G 43 22.52 4.81 -16.70
CA VAL G 43 21.78 3.63 -17.06
C VAL G 43 22.66 2.73 -17.92
N GLY G 44 23.01 1.57 -17.38
CA GLY G 44 23.83 0.58 -18.09
C GLY G 44 23.19 0.03 -19.36
N ALA G 45 24.02 -0.56 -20.22
CA ALA G 45 23.60 -0.96 -21.55
C ALA G 45 22.66 -2.16 -21.57
N GLY G 46 22.77 -3.05 -20.60
CA GLY G 46 21.90 -4.26 -20.53
C GLY G 46 20.58 -4.13 -19.75
N ALA G 47 20.55 -3.18 -18.82
CA ALA G 47 19.35 -2.88 -18.08
C ALA G 47 18.10 -2.79 -18.97
N PRO G 48 18.15 -2.02 -20.09
CA PRO G 48 16.93 -1.97 -20.89
C PRO G 48 16.66 -3.29 -21.58
N VAL G 49 17.72 -4.04 -21.87
CA VAL G 49 17.57 -5.34 -22.51
C VAL G 49 16.83 -6.28 -21.56
N TYR G 50 17.36 -6.39 -20.35
CA TYR G 50 16.76 -7.22 -19.31
C TYR G 50 15.28 -6.79 -19.07
N LEU G 51 15.10 -5.49 -18.83
CA LEU G 51 13.79 -4.99 -18.49
C LEU G 51 12.83 -5.34 -19.59
N ALA G 52 13.22 -5.09 -20.83
CA ALA G 52 12.35 -5.35 -21.98
C ALA G 52 11.98 -6.83 -22.15
N ALA G 53 12.91 -7.73 -21.84
CA ALA G 53 12.64 -9.15 -21.89
C ALA G 53 11.63 -9.54 -20.82
N VAL G 54 11.81 -8.98 -19.64
CA VAL G 54 10.89 -9.26 -18.55
C VAL G 54 9.48 -8.82 -18.94
N LEU G 55 9.35 -7.63 -19.51
CA LEU G 55 8.04 -7.18 -19.90
C LEU G 55 7.41 -8.08 -21.00
N GLU G 56 8.25 -8.58 -21.92
CA GLU G 56 7.77 -9.39 -23.05
C GLU G 56 7.29 -10.68 -22.47
N TYR G 57 8.15 -11.27 -21.67
CA TYR G 57 7.81 -12.48 -20.98
C TYR G 57 6.43 -12.40 -20.27
N LEU G 58 6.27 -11.38 -19.42
CA LEU G 58 5.06 -11.28 -18.63
C LEU G 58 3.88 -11.07 -19.53
N THR G 59 4.10 -10.34 -20.62
CA THR G 59 3.02 -10.08 -21.57
C THR G 59 2.56 -11.36 -22.22
N ALA G 60 3.52 -12.22 -22.54
CA ALA G 60 3.22 -13.46 -23.23
C ALA G 60 2.41 -14.37 -22.33
N GLU G 61 2.94 -14.58 -21.14
CA GLU G 61 2.27 -15.43 -20.16
C GLU G 61 0.77 -15.07 -20.09
N ILE G 62 0.46 -13.79 -20.07
CA ILE G 62 -0.91 -13.35 -19.87
C ILE G 62 -1.73 -13.55 -21.13
N LEU G 63 -1.14 -13.17 -22.26
CA LEU G 63 -1.79 -13.41 -23.54
C LEU G 63 -1.96 -14.91 -23.74
N GLU G 64 -0.97 -15.72 -23.37
CA GLU G 64 -1.16 -17.16 -23.44
C GLU G 64 -2.45 -17.52 -22.71
N LEU G 65 -2.56 -17.14 -21.44
CA LEU G 65 -3.70 -17.58 -20.64
C LEU G 65 -5.01 -16.90 -21.01
N ALA G 66 -4.92 -15.67 -21.50
CA ALA G 66 -6.13 -14.93 -21.83
C ALA G 66 -6.67 -15.49 -23.14
N GLY G 67 -5.77 -15.91 -24.02
CA GLY G 67 -6.16 -16.58 -25.25
C GLY G 67 -6.85 -17.88 -24.89
N ASN G 68 -6.23 -18.64 -24.01
CA ASN G 68 -6.84 -19.86 -23.54
C ASN G 68 -8.24 -19.62 -23.03
N ALA G 69 -8.47 -18.47 -22.40
CA ALA G 69 -9.80 -18.19 -21.89
C ALA G 69 -10.75 -17.93 -23.03
N ALA G 70 -10.31 -17.13 -24.00
CA ALA G 70 -11.10 -16.89 -25.24
C ALA G 70 -11.55 -18.21 -25.83
N ARG G 71 -10.60 -19.10 -26.07
CA ARG G 71 -10.90 -20.44 -26.57
C ARG G 71 -12.08 -21.10 -25.80
N ASP G 72 -11.97 -21.19 -24.49
CA ASP G 72 -13.01 -21.82 -23.68
C ASP G 72 -14.38 -21.24 -23.98
N ASN G 73 -14.48 -19.92 -24.04
CA ASN G 73 -15.79 -19.28 -24.25
C ASN G 73 -16.17 -19.21 -25.74
N LYS G 74 -15.44 -19.93 -26.58
CA LYS G 74 -15.72 -20.04 -28.02
C LYS G 74 -15.51 -18.71 -28.71
N LYS G 75 -14.39 -18.05 -28.40
CA LYS G 75 -14.08 -16.74 -28.98
C LYS G 75 -12.67 -16.68 -29.55
N THR G 76 -12.46 -15.77 -30.51
CA THR G 76 -11.11 -15.59 -31.09
C THR G 76 -10.53 -14.19 -30.83
N ARG G 77 -11.39 -13.24 -30.49
CA ARG G 77 -11.00 -11.90 -30.10
C ARG G 77 -10.98 -11.86 -28.58
N ILE G 78 -9.79 -11.60 -28.02
CA ILE G 78 -9.60 -11.41 -26.56
C ILE G 78 -10.27 -10.09 -26.07
N ILE G 79 -11.16 -10.19 -25.10
CA ILE G 79 -11.71 -9.00 -24.42
C ILE G 79 -11.27 -8.89 -22.94
N PRO G 80 -11.60 -7.78 -22.26
CA PRO G 80 -11.16 -7.64 -20.90
C PRO G 80 -11.54 -8.80 -20.00
N ARG G 81 -12.77 -9.29 -20.14
CA ARG G 81 -13.17 -10.47 -19.40
C ARG G 81 -12.20 -11.59 -19.54
N HIS G 82 -11.55 -11.74 -20.69
CA HIS G 82 -10.60 -12.85 -20.80
C HIS G 82 -9.31 -12.58 -20.04
N LEU G 83 -8.91 -11.30 -19.94
CA LEU G 83 -7.72 -10.93 -19.13
C LEU G 83 -7.99 -11.14 -17.66
N GLN G 84 -9.19 -10.74 -17.22
CA GLN G 84 -9.63 -10.97 -15.85
C GLN G 84 -9.66 -12.45 -15.50
N LEU G 85 -10.21 -13.30 -16.35
CA LEU G 85 -10.30 -14.73 -16.01
C LEU G 85 -8.90 -15.33 -15.99
N ALA G 86 -8.04 -14.87 -16.87
CA ALA G 86 -6.69 -15.37 -16.92
C ALA G 86 -5.95 -15.02 -15.65
N VAL G 87 -6.09 -13.78 -15.23
CA VAL G 87 -5.29 -13.23 -14.13
C VAL G 87 -5.76 -13.80 -12.79
N ARG G 88 -7.06 -13.88 -12.57
CA ARG G 88 -7.54 -14.28 -11.26
C ARG G 88 -7.63 -15.82 -11.10
N ASN G 89 -7.51 -16.56 -12.17
CA ASN G 89 -7.39 -18.01 -12.04
C ASN G 89 -5.94 -18.46 -11.95
N ASP G 90 -4.96 -17.56 -11.99
CA ASP G 90 -3.56 -17.90 -11.73
C ASP G 90 -3.04 -17.23 -10.45
N GLU G 91 -2.66 -18.09 -9.53
CA GLU G 91 -2.29 -17.70 -8.20
C GLU G 91 -1.23 -16.59 -8.22
N GLU G 92 -0.23 -16.76 -9.09
CA GLU G 92 0.90 -15.81 -9.19
C GLU G 92 0.57 -14.47 -9.89
N LEU G 93 -0.04 -14.54 -11.07
CA LEU G 93 -0.55 -13.33 -11.71
C LEU G 93 -1.53 -12.58 -10.82
N ASN G 94 -2.37 -13.31 -10.07
CA ASN G 94 -3.35 -12.68 -9.19
C ASN G 94 -2.69 -11.92 -8.09
N LYS G 95 -1.55 -12.44 -7.63
CA LYS G 95 -0.85 -11.80 -6.51
C LYS G 95 -0.19 -10.52 -6.97
N LEU G 96 0.41 -10.59 -8.15
CA LEU G 96 1.06 -9.43 -8.78
C LEU G 96 0.05 -8.36 -9.09
N LEU G 97 -1.15 -8.76 -9.46
CA LEU G 97 -2.15 -7.78 -9.84
C LEU G 97 -3.18 -7.63 -8.74
N GLY G 98 -2.75 -7.91 -7.51
CA GLY G 98 -3.68 -7.99 -6.39
C GLY G 98 -4.29 -6.68 -5.93
N ARG G 99 -3.68 -5.56 -6.28
CA ARG G 99 -4.27 -4.28 -5.98
C ARG G 99 -4.60 -3.52 -7.27
N VAL G 100 -4.97 -4.27 -8.31
CA VAL G 100 -5.28 -3.72 -9.62
C VAL G 100 -6.64 -4.14 -10.07
N THR G 101 -7.33 -3.22 -10.72
CA THR G 101 -8.66 -3.46 -11.24
C THR G 101 -8.56 -3.35 -12.72
N ILE G 102 -8.92 -4.43 -13.40
CA ILE G 102 -9.07 -4.48 -14.85
C ILE G 102 -10.45 -4.00 -15.23
N ALA G 103 -10.52 -2.85 -15.90
CA ALA G 103 -11.81 -2.32 -16.32
C ALA G 103 -12.55 -3.35 -17.14
N GLN G 104 -13.84 -3.52 -16.88
CA GLN G 104 -14.69 -4.42 -17.67
C GLN G 104 -14.32 -5.90 -17.52
N GLY G 105 -13.83 -6.28 -16.34
CA GLY G 105 -13.43 -7.66 -16.10
C GLY G 105 -14.44 -8.53 -15.38
N GLY G 106 -15.41 -7.94 -14.71
CA GLY G 106 -16.24 -8.72 -13.80
C GLY G 106 -15.44 -9.48 -12.73
N VAL G 107 -16.07 -10.51 -12.21
CA VAL G 107 -15.48 -11.35 -11.19
C VAL G 107 -15.62 -12.82 -11.53
N LEU G 108 -14.84 -13.67 -10.86
CA LEU G 108 -14.99 -15.12 -11.01
C LEU G 108 -16.29 -15.64 -10.47
N PRO G 109 -17.04 -16.42 -11.25
CA PRO G 109 -18.17 -17.14 -10.66
C PRO G 109 -17.77 -17.77 -9.36
N ASN G 110 -18.44 -17.43 -8.26
CA ASN G 110 -18.14 -17.99 -6.95
C ASN G 110 -19.26 -17.70 -5.95
N ILE G 111 -19.82 -18.77 -5.40
CA ILE G 111 -20.93 -18.67 -4.46
C ILE G 111 -20.56 -19.49 -3.26
N GLN G 112 -20.67 -18.88 -2.07
CA GLN G 112 -20.32 -19.53 -0.80
C GLN G 112 -21.26 -20.68 -0.56
N SER G 113 -20.71 -21.83 -0.18
CA SER G 113 -21.49 -23.08 -0.20
C SER G 113 -22.71 -23.05 0.70
N VAL G 114 -22.62 -22.38 1.85
CA VAL G 114 -23.77 -22.25 2.75
C VAL G 114 -24.97 -21.51 2.13
N LEU G 115 -24.76 -20.77 1.05
CA LEU G 115 -25.83 -20.09 0.34
C LEU G 115 -26.52 -20.95 -0.71
N LEU G 116 -26.00 -22.15 -0.99
CA LEU G 116 -26.70 -23.12 -1.86
C LEU G 116 -27.92 -23.73 -1.14
N PRO G 117 -29.01 -23.99 -1.91
CA PRO G 117 -30.23 -24.63 -1.38
C PRO G 117 -29.97 -26.09 -1.01
N LYS G 118 -30.80 -26.64 -0.12
CA LYS G 118 -30.59 -28.03 0.39
C LYS G 118 -31.06 -29.15 -0.57
N LYS G 119 -30.33 -30.27 -0.56
CA LYS G 119 -30.60 -31.40 -1.48
C LYS G 119 -31.72 -32.29 -0.93
N LYS H 31 -2.80 15.82 -32.89
CA LYS H 31 -1.58 15.90 -33.76
C LYS H 31 -0.38 15.23 -33.10
N THR H 32 -0.13 15.54 -31.83
CA THR H 32 1.06 15.03 -31.17
C THR H 32 1.00 13.51 -31.13
N ARG H 33 2.12 12.87 -31.49
CA ARG H 33 2.21 11.43 -31.59
C ARG H 33 2.00 10.79 -30.21
N LYS H 34 1.02 9.89 -30.11
CA LYS H 34 0.73 9.23 -28.83
C LYS H 34 1.26 7.77 -28.81
N GLU H 35 2.46 7.60 -28.25
CA GLU H 35 3.10 6.28 -28.09
C GLU H 35 2.33 5.28 -27.22
N SER H 36 2.71 4.01 -27.39
CA SER H 36 2.00 2.87 -26.85
C SER H 36 2.85 1.63 -27.05
N TYR H 37 2.74 0.66 -26.16
CA TYR H 37 3.35 -0.67 -26.38
C TYR H 37 2.48 -1.57 -27.27
N ALA H 38 1.32 -1.08 -27.72
CA ALA H 38 0.32 -1.89 -28.46
C ALA H 38 0.85 -2.82 -29.55
N ILE H 39 1.70 -2.31 -30.43
CA ILE H 39 2.20 -3.14 -31.54
C ILE H 39 3.09 -4.29 -31.05
N TYR H 40 3.87 -4.02 -30.01
CA TYR H 40 4.75 -5.04 -29.46
C TYR H 40 3.89 -6.08 -28.74
N VAL H 41 2.85 -5.62 -28.05
CA VAL H 41 1.89 -6.55 -27.47
C VAL H 41 1.30 -7.44 -28.59
N TYR H 42 0.90 -6.80 -29.70
CA TYR H 42 0.25 -7.49 -30.82
C TYR H 42 1.21 -8.48 -31.50
N LYS H 43 2.48 -8.08 -31.66
CA LYS H 43 3.46 -9.02 -32.21
C LYS H 43 3.57 -10.28 -31.35
N VAL H 44 3.48 -10.11 -30.04
CA VAL H 44 3.67 -11.22 -29.10
C VAL H 44 2.41 -12.10 -29.03
N LEU H 45 1.25 -11.44 -29.16
CA LEU H 45 0.00 -12.16 -29.30
C LEU H 45 0.11 -13.21 -30.41
N LYS H 46 0.64 -12.79 -31.56
CA LYS H 46 0.69 -13.66 -32.71
C LYS H 46 1.63 -14.86 -32.54
N GLN H 47 2.78 -14.68 -31.90
CA GLN H 47 3.64 -15.83 -31.54
C GLN H 47 2.90 -16.81 -30.62
N VAL H 48 2.26 -16.24 -29.63
CA VAL H 48 1.60 -17.00 -28.60
C VAL H 48 0.27 -17.61 -29.07
N HIS H 49 -0.49 -16.86 -29.87
CA HIS H 49 -1.80 -17.29 -30.37
C HIS H 49 -2.05 -16.70 -31.78
N PRO H 50 -1.50 -17.32 -32.84
CA PRO H 50 -1.53 -16.68 -34.17
C PRO H 50 -2.94 -16.45 -34.74
N ASP H 51 -3.91 -17.23 -34.28
CA ASP H 51 -5.29 -17.09 -34.76
C ASP H 51 -6.19 -16.25 -33.83
N THR H 52 -5.62 -15.62 -32.81
CA THR H 52 -6.40 -14.88 -31.81
C THR H 52 -6.18 -13.38 -31.96
N GLY H 53 -7.24 -12.60 -31.74
CA GLY H 53 -7.20 -11.14 -31.85
C GLY H 53 -7.45 -10.50 -30.49
N ILE H 54 -7.69 -9.20 -30.46
CA ILE H 54 -7.79 -8.50 -29.20
C ILE H 54 -8.54 -7.22 -29.35
N SER H 55 -9.43 -6.95 -28.41
CA SER H 55 -10.27 -5.79 -28.47
C SER H 55 -9.46 -4.54 -28.17
N SER H 56 -10.09 -3.40 -28.44
CA SER H 56 -9.47 -2.12 -28.20
C SER H 56 -9.24 -1.99 -26.70
N LYS H 57 -10.31 -2.19 -25.93
CA LYS H 57 -10.26 -2.09 -24.50
C LYS H 57 -9.25 -3.08 -23.91
N ALA H 58 -9.27 -4.31 -24.39
CA ALA H 58 -8.30 -5.27 -23.92
C ALA H 58 -6.85 -4.80 -24.18
N MET H 59 -6.60 -4.15 -25.30
CA MET H 59 -5.22 -3.75 -25.58
C MET H 59 -4.81 -2.61 -24.64
N SER H 60 -5.78 -1.77 -24.31
CA SER H 60 -5.50 -0.63 -23.45
C SER H 60 -5.05 -1.15 -22.07
N ILE H 61 -5.71 -2.22 -21.60
CA ILE H 61 -5.37 -2.88 -20.36
C ILE H 61 -4.00 -3.52 -20.40
N MET H 62 -3.67 -4.14 -21.51
CA MET H 62 -2.33 -4.71 -21.67
C MET H 62 -1.28 -3.60 -21.67
N ASN H 63 -1.66 -2.44 -22.16
CA ASN H 63 -0.74 -1.34 -22.16
C ASN H 63 -0.51 -0.81 -20.75
N SER H 64 -1.60 -0.57 -20.01
CA SER H 64 -1.51 -0.19 -18.61
C SER H 64 -0.57 -1.17 -17.92
N PHE H 65 -0.86 -2.45 -18.13
CA PHE H 65 -0.08 -3.48 -17.51
C PHE H 65 1.43 -3.32 -17.72
N VAL H 66 1.85 -3.10 -18.96
CA VAL H 66 3.27 -2.95 -19.24
C VAL H 66 3.83 -1.70 -18.59
N ASN H 67 3.10 -0.57 -18.71
CA ASN H 67 3.52 0.67 -18.02
C ASN H 67 3.61 0.55 -16.51
N ASP H 68 2.67 -0.18 -15.91
CA ASP H 68 2.63 -0.39 -14.49
C ASP H 68 3.86 -1.22 -14.11
N VAL H 69 4.03 -2.39 -14.72
CA VAL H 69 5.16 -3.23 -14.31
C VAL H 69 6.45 -2.50 -14.57
N PHE H 70 6.55 -1.82 -15.71
CA PHE H 70 7.73 -0.97 -15.95
C PHE H 70 8.04 -0.10 -14.72
N GLU H 71 7.05 0.70 -14.29
CA GLU H 71 7.25 1.67 -13.22
C GLU H 71 7.64 0.96 -11.92
N ARG H 72 6.97 -0.15 -11.64
CA ARG H 72 7.27 -0.89 -10.45
C ARG H 72 8.72 -1.38 -10.42
N ILE H 73 9.13 -2.00 -11.49
CA ILE H 73 10.48 -2.51 -11.53
C ILE H 73 11.49 -1.36 -11.49
N ALA H 74 11.45 -0.42 -12.43
CA ALA H 74 12.32 0.76 -12.39
C ALA H 74 12.37 1.38 -11.00
N GLY H 75 11.19 1.52 -10.39
CA GLY H 75 11.11 2.18 -9.10
C GLY H 75 11.90 1.47 -8.01
N GLU H 76 11.66 0.17 -7.93
CA GLU H 76 12.45 -0.65 -7.03
C GLU H 76 13.94 -0.55 -7.36
N ALA H 77 14.29 -0.50 -8.65
CA ALA H 77 15.67 -0.50 -9.08
C ALA H 77 16.34 0.77 -8.68
N SER H 78 15.64 1.89 -8.87
CA SER H 78 16.13 3.20 -8.44
C SER H 78 16.46 3.15 -6.95
N ARG H 79 15.51 2.66 -6.17
CA ARG H 79 15.71 2.58 -4.75
C ARG H 79 16.97 1.75 -4.42
N LEU H 80 17.12 0.59 -5.05
CA LEU H 80 18.30 -0.22 -4.84
C LEU H 80 19.59 0.56 -5.07
N ALA H 81 19.69 1.21 -6.22
CA ALA H 81 20.88 1.96 -6.49
C ALA H 81 21.13 2.97 -5.36
N HIS H 82 20.17 3.84 -5.09
CA HIS H 82 20.28 4.80 -3.97
C HIS H 82 20.73 4.14 -2.65
N TYR H 83 20.10 3.04 -2.22
CA TYR H 83 20.50 2.40 -0.97
C TYR H 83 21.95 2.09 -0.99
N ASN H 84 22.43 1.68 -2.16
CA ASN H 84 23.82 1.32 -2.34
C ASN H 84 24.74 2.40 -2.93
N LYS H 85 24.36 3.67 -2.78
CA LYS H 85 25.19 4.80 -3.22
C LYS H 85 25.83 4.49 -4.58
N ARG H 86 25.00 4.23 -5.58
CA ARG H 86 25.44 3.97 -6.93
C ARG H 86 24.73 4.92 -7.87
N SER H 87 25.43 5.37 -8.89
CA SER H 87 24.87 6.30 -9.81
C SER H 87 24.17 5.61 -10.96
N THR H 88 24.22 4.28 -11.02
CA THR H 88 23.80 3.56 -12.21
C THR H 88 22.78 2.41 -11.96
N ILE H 89 21.83 2.27 -12.89
CA ILE H 89 20.89 1.15 -12.95
C ILE H 89 21.34 0.17 -14.04
N THR H 90 21.98 -0.91 -13.60
CA THR H 90 22.45 -1.98 -14.44
C THR H 90 21.44 -3.08 -14.33
N SER H 91 21.67 -4.14 -15.07
CA SER H 91 20.82 -5.30 -15.09
C SER H 91 20.74 -6.01 -13.72
N ARG H 92 21.77 -5.89 -12.92
CA ARG H 92 21.77 -6.47 -11.59
C ARG H 92 20.66 -5.83 -10.74
N GLU H 93 20.54 -4.51 -10.82
CA GLU H 93 19.45 -3.80 -10.16
C GLU H 93 18.09 -4.22 -10.73
N ILE H 94 17.96 -4.32 -12.06
CA ILE H 94 16.69 -4.81 -12.65
C ILE H 94 16.36 -6.21 -12.18
N GLN H 95 17.38 -7.05 -12.06
CA GLN H 95 17.21 -8.44 -11.61
C GLN H 95 16.77 -8.54 -10.16
N THR H 96 17.54 -7.95 -9.25
CA THR H 96 17.15 -7.87 -7.86
C THR H 96 15.73 -7.29 -7.71
N ALA H 97 15.44 -6.22 -8.44
CA ALA H 97 14.09 -5.62 -8.49
C ALA H 97 13.02 -6.66 -8.84
N VAL H 98 13.31 -7.48 -9.85
CA VAL H 98 12.37 -8.48 -10.32
C VAL H 98 12.19 -9.51 -9.21
N ARG H 99 13.26 -9.86 -8.53
CA ARG H 99 13.12 -10.86 -7.51
C ARG H 99 12.19 -10.34 -6.43
N LEU H 100 12.39 -9.09 -6.04
CA LEU H 100 11.62 -8.44 -4.98
C LEU H 100 10.15 -8.19 -5.31
N LEU H 101 9.85 -7.94 -6.58
CA LEU H 101 8.51 -7.63 -7.01
C LEU H 101 7.70 -8.80 -7.42
N LEU H 102 8.32 -9.76 -8.09
CA LEU H 102 7.56 -10.88 -8.67
C LEU H 102 7.41 -12.05 -7.68
N PRO H 103 6.26 -12.71 -7.73
CA PRO H 103 6.10 -13.91 -7.00
C PRO H 103 6.96 -15.05 -7.57
N GLY H 104 7.57 -15.83 -6.65
CA GLY H 104 8.26 -17.10 -6.94
C GLY H 104 8.53 -17.55 -8.38
N GLU H 105 7.62 -18.32 -8.97
CA GLU H 105 7.87 -18.89 -10.29
C GLU H 105 7.94 -17.82 -11.40
N LEU H 106 7.08 -16.83 -11.32
CA LEU H 106 7.10 -15.74 -12.29
C LEU H 106 8.49 -15.10 -12.21
N ALA H 107 8.97 -14.81 -11.00
CA ALA H 107 10.30 -14.24 -10.86
C ALA H 107 11.30 -15.13 -11.57
N LYS H 108 11.28 -16.41 -11.26
CA LYS H 108 12.35 -17.26 -11.73
C LYS H 108 12.39 -17.30 -13.25
N HIS H 109 11.25 -17.52 -13.89
CA HIS H 109 11.19 -17.54 -15.35
C HIS H 109 11.51 -16.15 -15.93
N ALA H 110 10.99 -15.09 -15.32
CA ALA H 110 11.29 -13.69 -15.72
C ALA H 110 12.78 -13.44 -15.70
N VAL H 111 13.44 -13.90 -14.64
CA VAL H 111 14.89 -13.73 -14.48
C VAL H 111 15.68 -14.47 -15.55
N SER H 112 15.23 -15.67 -15.87
CA SER H 112 15.96 -16.46 -16.84
C SER H 112 15.76 -15.82 -18.21
N GLU H 113 14.55 -15.39 -18.52
CA GLU H 113 14.33 -14.68 -19.79
C GLU H 113 15.15 -13.40 -19.89
N GLY H 114 15.36 -12.75 -18.76
CA GLY H 114 16.14 -11.52 -18.72
C GLY H 114 17.62 -11.77 -18.90
N THR H 115 18.17 -12.74 -18.19
CA THR H 115 19.60 -13.08 -18.33
C THR H 115 19.90 -13.60 -19.75
N LYS H 116 18.91 -14.30 -20.31
CA LYS H 116 18.97 -14.83 -21.66
C LYS H 116 19.17 -13.73 -22.67
N ALA H 117 18.24 -12.77 -22.66
CA ALA H 117 18.27 -11.71 -23.64
C ALA H 117 19.56 -10.91 -23.58
N VAL H 118 20.18 -10.81 -22.39
CA VAL H 118 21.41 -10.05 -22.20
C VAL H 118 22.61 -10.80 -22.74
N THR H 119 22.67 -12.10 -22.45
CA THR H 119 23.63 -12.99 -23.09
C THR H 119 23.57 -12.83 -24.62
N LYS H 120 22.47 -13.25 -25.23
CA LYS H 120 22.28 -13.12 -26.67
C LYS H 120 22.71 -11.76 -27.20
N TYR H 121 22.37 -10.70 -26.47
CA TYR H 121 22.68 -9.34 -26.91
C TYR H 121 24.18 -9.06 -26.90
N THR H 122 24.90 -9.52 -25.88
CA THR H 122 26.35 -9.31 -25.79
C THR H 122 27.10 -9.99 -26.94
N SER H 123 26.83 -11.28 -27.13
CA SER H 123 27.41 -12.10 -28.20
C SER H 123 27.15 -11.52 -29.60
N ALA H 124 25.90 -11.18 -29.89
CA ALA H 124 25.57 -10.55 -31.15
C ALA H 124 26.42 -9.29 -31.31
N LYS H 125 27.00 -9.15 -32.50
CA LYS H 125 27.93 -8.04 -32.81
C LYS H 125 27.21 -6.67 -32.91
S SO4 K . 9.78 28.45 -6.89
O1 SO4 K . 10.65 29.67 -6.74
O2 SO4 K . 9.01 28.52 -8.16
O3 SO4 K . 8.82 28.46 -5.75
O4 SO4 K . 10.69 27.26 -6.82
MG MG L . 17.24 -25.07 8.12
S SO4 M . 24.58 -3.60 -17.58
O1 SO4 M . 25.13 -2.38 -16.89
O2 SO4 M . 25.24 -3.77 -18.90
O3 SO4 M . 23.13 -3.48 -17.85
O4 SO4 M . 24.88 -4.82 -16.78
RU RUD N . 3.55 -20.22 -20.48
C18 RUD N . 2.36 -20.42 -18.62
C17 RUD N . 1.47 -19.44 -17.91
C19 RUD N . 3.75 -20.57 -18.27
C20 RUD N . 4.54 -21.49 -18.93
C22 RUD N . 2.60 -22.18 -20.29
C23 RUD N . 1.79 -21.22 -19.61
C21 RUD N . 3.95 -22.30 -19.96
C24 RUD N . 4.78 -23.33 -20.68
C25 RUD N . 4.17 -24.71 -20.40
C26 RUD N . 4.59 -25.33 -19.08
O1 RUD N . 5.24 -24.73 -18.21
P1 RUD N . 4.79 -19.52 -22.30
C4 RUD N . 5.79 -20.80 -23.25
C5 RUD N . 6.05 -18.16 -22.05
N3 RUD N . 6.53 -17.90 -23.40
C7 RUD N . 7.36 -18.94 -23.87
N2 RUD N . 6.51 -20.08 -24.31
C6 RUD N . 5.69 -19.73 -25.43
C8 RUD N . 5.81 -17.41 -24.51
N1 RUD N . 5.10 -18.65 -24.68
C3 RUD N . 3.92 -18.80 -23.80
NAA EDN O . 6.41 -27.63 -16.26
CAB EDN O . 5.90 -27.75 -17.65
CAC EDN O . 4.43 -27.50 -17.82
NAD EDN O . 4.20 -26.59 -18.95
S SO4 P . -4.54 -19.96 -31.45
O1 SO4 P . -3.29 -20.58 -30.95
O2 SO4 P . -4.18 -18.78 -32.28
O3 SO4 P . -5.35 -20.91 -32.24
O4 SO4 P . -5.36 -19.52 -30.30
RU RUD Q . 8.64 -23.34 -13.71
C18 RUD Q . 6.56 -22.64 -14.15
C17 RUD Q . 5.98 -21.25 -14.21
C19 RUD Q . 6.54 -23.32 -12.89
C20 RUD Q . 7.04 -24.59 -12.77
C22 RUD Q . 7.63 -24.63 -15.17
C23 RUD Q . 7.09 -23.30 -15.29
C21 RUD Q . 7.60 -25.26 -13.92
C24 RUD Q . 8.12 -26.65 -13.59
C25 RUD Q . 8.25 -27.84 -14.55
C26 RUD Q . 7.70 -27.96 -15.98
O1 RUD Q . 8.42 -28.51 -16.80
P1 RUD Q . 10.85 -23.56 -13.00
C4 RUD Q . 12.07 -22.27 -13.53
C5 RUD Q . 11.30 -23.52 -11.18
N3 RUD Q . 12.76 -23.63 -11.23
C7 RUD Q . 13.55 -22.49 -11.50
N2 RUD Q . 13.30 -22.76 -12.88
C6 RUD Q . 14.06 -23.80 -13.51
C8 RUD Q . 13.37 -24.91 -11.48
N1 RUD Q . 13.18 -24.72 -12.87
C3 RUD Q . 11.88 -25.03 -13.48
#